data_8SK0
#
_entry.id   8SK0
#
_cell.length_a   59.984
_cell.length_b   76.405
_cell.length_c   148.556
_cell.angle_alpha   90.000
_cell.angle_beta   90.000
_cell.angle_gamma   90.000
#
_symmetry.space_group_name_H-M   'P 21 21 21'
#
loop_
_entity.id
_entity.type
_entity.pdbx_description
1 polymer 'dTDP-glucose 4,6-dehydratase'
2 non-polymer GLYCEROL
3 non-polymer NICOTINAMIDE-ADENINE-DINUCLEOTIDE
4 non-polymer "THYMIDINE-5'-DIPHOSPHATE"
5 non-polymer DI(HYDROXYETHYL)ETHER
6 non-polymer 'CITRATE ANION'
7 water water
#
_entity_poly.entity_id   1
_entity_poly.type   'polypeptide(L)'
_entity_poly.pdbx_seq_one_letter_code
;MGSSHHHHHHSSGLVPRGSVPRVFVAGGAGFIGSHYVRELVAGAYAGWQGCEVTVLDSLTYAGNLANLAGVRDAVTFVRG
DICDGRLLAEVLPGHDVVLNFAAETHVDRSIADSAEFLRTNVQGVQSLMQACLTAGVPTIVQVSTDEVYGSIEAGSWSED
APLAPNSPYAAAKAGGDLIALAYARTYGLPVRITRCGNNYGPYQFPEKVIPLFLTRLMDGRSVPLYGDGRNVRDWIHVAD
HCRGIQTVVERGASGEVYHIAGTAELTNLELTQHLLDAVGGSWDAVERVPDRKGHDRRYSLSDAKLRALGYAPRVPFADG
LAETVAWYRANRHWWEPLRKQLDAVPHD
;
_entity_poly.pdbx_strand_id   A,B
#
loop_
_chem_comp.id
_chem_comp.type
_chem_comp.name
_chem_comp.formula
FLC non-polymer 'CITRATE ANION' 'C6 H5 O7 -3'
GOL non-polymer GLYCEROL 'C3 H8 O3'
NAD non-polymer NICOTINAMIDE-ADENINE-DINUCLEOTIDE 'C21 H27 N7 O14 P2'
PEG non-polymer DI(HYDROXYETHYL)ETHER 'C4 H10 O3'
TYD non-polymer THYMIDINE-5'-DIPHOSPHATE 'C10 H16 N2 O11 P2'
#
# COMPACT_ATOMS: atom_id res chain seq x y z
N VAL A 15 -0.49 -34.77 11.31
CA VAL A 15 0.68 -33.96 11.65
C VAL A 15 1.25 -33.32 10.40
N PRO A 16 1.42 -31.99 10.42
CA PRO A 16 1.82 -31.29 9.20
C PRO A 16 3.32 -31.03 9.11
N ARG A 17 4.14 -31.75 9.86
CA ARG A 17 5.59 -31.58 9.77
C ARG A 17 6.29 -32.85 10.23
N GLY A 18 7.40 -33.17 9.56
CA GLY A 18 8.16 -34.37 9.87
C GLY A 18 9.56 -34.09 10.41
N SER A 19 10.53 -34.91 10.00
CA SER A 19 11.89 -34.84 10.50
C SER A 19 12.84 -34.09 9.56
N VAL A 20 12.32 -33.41 8.55
CA VAL A 20 13.13 -32.51 7.73
C VAL A 20 12.42 -31.16 7.71
N PRO A 21 13.14 -30.09 7.36
CA PRO A 21 12.48 -28.77 7.27
C PRO A 21 11.40 -28.78 6.19
N ARG A 22 10.38 -27.96 6.42
CA ARG A 22 9.26 -27.78 5.49
C ARG A 22 9.18 -26.31 5.11
N VAL A 23 9.35 -26.02 3.82
CA VAL A 23 9.46 -24.65 3.33
C VAL A 23 8.32 -24.38 2.33
N PHE A 24 7.59 -23.30 2.55
CA PHE A 24 6.46 -22.90 1.72
C PHE A 24 6.90 -21.72 0.87
N VAL A 25 6.78 -21.84 -0.46
CA VAL A 25 7.25 -20.82 -1.39
C VAL A 25 6.07 -20.37 -2.25
N ALA A 26 5.49 -19.21 -1.91
CA ALA A 26 4.47 -18.63 -2.78
C ALA A 26 5.14 -17.98 -3.98
N GLY A 27 4.55 -18.15 -5.16
CA GLY A 27 5.16 -17.60 -6.36
C GLY A 27 6.34 -18.43 -6.87
N GLY A 28 6.46 -19.67 -6.42
CA GLY A 28 7.59 -20.52 -6.70
C GLY A 28 7.68 -21.05 -8.12
N ALA A 29 6.68 -20.79 -8.97
CA ALA A 29 6.76 -21.16 -10.38
C ALA A 29 7.22 -20.00 -11.27
N GLY A 30 7.57 -18.86 -10.67
CA GLY A 30 8.10 -17.74 -11.43
C GLY A 30 9.61 -17.77 -11.54
N PHE A 31 10.17 -16.64 -11.97
CA PHE A 31 11.61 -16.52 -12.21
C PHE A 31 12.43 -16.71 -10.93
N ILE A 32 12.30 -15.78 -9.97
CA ILE A 32 13.18 -15.84 -8.80
C ILE A 32 12.75 -16.95 -7.86
N GLY A 33 11.44 -17.12 -7.68
CA GLY A 33 10.95 -18.16 -6.79
C GLY A 33 11.37 -19.54 -7.23
N SER A 34 11.31 -19.82 -8.54
CA SER A 34 11.72 -21.15 -8.99
C SER A 34 13.21 -21.35 -8.83
N HIS A 35 14.00 -20.29 -8.99
CA HIS A 35 15.42 -20.42 -8.72
C HIS A 35 15.66 -20.79 -7.26
N TYR A 36 14.98 -20.11 -6.35
CA TYR A 36 15.12 -20.44 -4.92
C TYR A 36 14.76 -21.90 -4.66
N VAL A 37 13.66 -22.37 -5.25
CA VAL A 37 13.24 -23.75 -5.04
C VAL A 37 14.28 -24.73 -5.60
N ARG A 38 14.74 -24.48 -6.82
CA ARG A 38 15.71 -25.41 -7.42
C ARG A 38 17.00 -25.48 -6.59
N GLU A 39 17.46 -24.33 -6.07
CA GLU A 39 18.67 -24.31 -5.26
C GLU A 39 18.44 -25.01 -3.92
N LEU A 40 17.32 -24.73 -3.27
CA LEU A 40 17.00 -25.36 -1.99
C LEU A 40 16.96 -26.88 -2.12
N VAL A 41 16.28 -27.38 -3.16
CA VAL A 41 16.16 -28.81 -3.36
C VAL A 41 17.50 -29.43 -3.71
N ALA A 42 18.33 -28.71 -4.46
CA ALA A 42 19.66 -29.20 -4.84
C ALA A 42 20.63 -29.25 -3.67
N GLY A 43 20.26 -28.69 -2.52
CA GLY A 43 21.14 -28.66 -1.36
C GLY A 43 22.14 -27.54 -1.34
N ALA A 44 21.88 -26.44 -2.07
CA ALA A 44 22.85 -25.35 -2.15
C ALA A 44 22.93 -24.54 -0.86
N TYR A 45 21.92 -24.61 -0.01
CA TYR A 45 21.89 -23.83 1.22
C TYR A 45 22.23 -24.78 2.37
N ALA A 46 23.39 -24.59 2.97
CA ALA A 46 23.86 -25.52 3.98
C ALA A 46 22.88 -25.55 5.15
N GLY A 47 22.65 -26.74 5.69
CA GLY A 47 21.72 -26.91 6.79
C GLY A 47 20.26 -27.05 6.39
N TRP A 48 19.97 -27.08 5.08
CA TRP A 48 18.62 -27.29 4.57
C TRP A 48 18.67 -28.45 3.57
N GLN A 49 18.85 -29.66 4.10
CA GLN A 49 19.05 -30.86 3.28
C GLN A 49 17.82 -31.74 3.34
N GLY A 50 17.40 -32.24 2.18
CA GLY A 50 16.21 -33.09 2.13
C GLY A 50 14.93 -32.37 2.47
N CYS A 51 14.91 -31.06 2.27
CA CYS A 51 13.73 -30.26 2.59
CA CYS A 51 13.73 -30.26 2.60
C CYS A 51 12.50 -30.74 1.83
N GLU A 52 11.35 -30.68 2.49
CA GLU A 52 10.06 -30.75 1.80
C GLU A 52 9.68 -29.32 1.42
N VAL A 53 9.25 -29.14 0.17
CA VAL A 53 8.92 -27.81 -0.34
C VAL A 53 7.48 -27.84 -0.85
N THR A 54 6.68 -26.87 -0.41
CA THR A 54 5.37 -26.62 -1.00
C THR A 54 5.46 -25.35 -1.83
N VAL A 55 5.11 -25.44 -3.11
CA VAL A 55 5.00 -24.27 -3.98
C VAL A 55 3.52 -23.96 -4.19
N LEU A 56 3.13 -22.73 -3.87
CA LEU A 56 1.79 -22.24 -4.18
C LEU A 56 1.92 -21.17 -5.26
N ASP A 57 1.24 -21.38 -6.38
CA ASP A 57 1.40 -20.44 -7.49
C ASP A 57 0.14 -20.52 -8.34
N SER A 58 -0.39 -19.35 -8.73
CA SER A 58 -1.64 -19.29 -9.48
C SER A 58 -1.41 -19.40 -10.98
N LEU A 59 -0.16 -19.51 -11.42
CA LEU A 59 0.19 -19.67 -12.83
C LEU A 59 -0.45 -18.58 -13.68
N THR A 60 -0.10 -17.33 -13.37
CA THR A 60 -0.39 -16.23 -14.28
C THR A 60 0.40 -16.41 -15.56
N TYR A 61 0.35 -15.40 -16.44
CA TYR A 61 1.15 -15.41 -17.66
C TYR A 61 2.63 -15.66 -17.37
N ALA A 62 3.09 -15.32 -16.16
CA ALA A 62 4.49 -15.42 -15.79
C ALA A 62 4.85 -16.74 -15.10
N GLY A 63 3.86 -17.49 -14.63
CA GLY A 63 4.14 -18.76 -13.97
C GLY A 63 4.39 -19.85 -15.00
N ASN A 64 5.32 -20.75 -14.68
CA ASN A 64 5.74 -21.74 -15.66
C ASN A 64 6.20 -23.00 -14.95
N LEU A 65 5.40 -24.07 -15.05
CA LEU A 65 5.77 -25.32 -14.39
C LEU A 65 7.05 -25.94 -14.98
N ALA A 66 7.44 -25.55 -16.20
CA ALA A 66 8.72 -26.00 -16.73
C ALA A 66 9.88 -25.56 -15.84
N ASN A 67 9.69 -24.47 -15.09
CA ASN A 67 10.72 -23.96 -14.20
C ASN A 67 10.96 -24.88 -13.01
N LEU A 68 10.05 -25.82 -12.76
CA LEU A 68 10.15 -26.75 -11.63
C LEU A 68 10.19 -28.21 -12.06
N ALA A 69 10.34 -28.49 -13.35
CA ALA A 69 10.11 -29.86 -13.82
C ALA A 69 11.15 -30.85 -13.30
N GLY A 70 12.33 -30.38 -12.90
CA GLY A 70 13.36 -31.26 -12.39
C GLY A 70 13.31 -31.55 -10.90
N VAL A 71 12.41 -30.90 -10.16
CA VAL A 71 12.41 -31.01 -8.70
C VAL A 71 11.06 -31.47 -8.17
N ARG A 72 10.26 -32.15 -9.00
CA ARG A 72 8.93 -32.51 -8.54
C ARG A 72 8.93 -33.63 -7.50
N ASP A 73 10.05 -34.32 -7.26
CA ASP A 73 10.08 -35.30 -6.18
C ASP A 73 10.09 -34.65 -4.81
N ALA A 74 10.62 -33.42 -4.70
CA ALA A 74 10.66 -32.71 -3.43
C ALA A 74 9.56 -31.68 -3.29
N VAL A 75 8.91 -31.30 -4.38
CA VAL A 75 7.98 -30.18 -4.38
C VAL A 75 6.56 -30.73 -4.41
N THR A 76 5.73 -30.22 -3.51
CA THR A 76 4.28 -30.36 -3.59
C THR A 76 3.74 -29.08 -4.21
N PHE A 77 3.13 -29.19 -5.39
CA PHE A 77 2.61 -28.02 -6.09
C PHE A 77 1.13 -27.84 -5.79
N VAL A 78 0.74 -26.62 -5.41
CA VAL A 78 -0.65 -26.24 -5.21
C VAL A 78 -0.96 -25.08 -6.13
N ARG A 79 -1.89 -25.29 -7.06
CA ARG A 79 -2.29 -24.27 -8.02
C ARG A 79 -3.37 -23.42 -7.38
N GLY A 80 -2.98 -22.25 -6.86
CA GLY A 80 -3.92 -21.42 -6.13
C GLY A 80 -3.33 -20.05 -5.92
N ASP A 81 -4.12 -19.20 -5.26
CA ASP A 81 -3.88 -17.76 -5.16
C ASP A 81 -3.57 -17.39 -3.72
N ILE A 82 -2.58 -16.51 -3.51
CA ILE A 82 -2.26 -16.09 -2.15
C ILE A 82 -3.42 -15.31 -1.52
N CYS A 83 -4.37 -14.83 -2.32
CA CYS A 83 -5.55 -14.15 -1.79
C CYS A 83 -6.59 -15.11 -1.22
N ASP A 84 -6.42 -16.41 -1.42
CA ASP A 84 -7.37 -17.44 -1.03
C ASP A 84 -7.07 -17.82 0.41
N GLY A 85 -7.73 -17.13 1.35
CA GLY A 85 -7.42 -17.33 2.75
C GLY A 85 -7.80 -18.70 3.27
N ARG A 86 -8.88 -19.29 2.73
CA ARG A 86 -9.26 -20.64 3.13
C ARG A 86 -8.19 -21.65 2.72
N LEU A 87 -7.68 -21.52 1.49
CA LEU A 87 -6.63 -22.42 1.03
C LEU A 87 -5.36 -22.27 1.88
N LEU A 88 -4.96 -21.03 2.16
CA LEU A 88 -3.77 -20.83 2.98
C LEU A 88 -3.93 -21.44 4.37
N ALA A 89 -5.12 -21.32 4.97
CA ALA A 89 -5.34 -21.89 6.30
C ALA A 89 -5.20 -23.39 6.28
N GLU A 90 -5.53 -24.02 5.14
CA GLU A 90 -5.42 -25.46 4.98
C GLU A 90 -3.99 -25.90 4.72
N VAL A 91 -3.24 -25.13 3.92
CA VAL A 91 -1.94 -25.62 3.45
CA VAL A 91 -1.94 -25.59 3.42
C VAL A 91 -0.77 -25.12 4.30
N LEU A 92 -0.87 -23.94 4.91
CA LEU A 92 0.26 -23.42 5.66
C LEU A 92 0.68 -24.24 6.88
N PRO A 93 -0.22 -24.83 7.68
CA PRO A 93 0.22 -25.44 8.95
C PRO A 93 1.36 -26.44 8.75
N GLY A 94 2.37 -26.35 9.62
CA GLY A 94 3.48 -27.27 9.60
C GLY A 94 4.71 -26.80 8.86
N HIS A 95 4.64 -25.65 8.19
CA HIS A 95 5.82 -25.14 7.49
C HIS A 95 6.67 -24.29 8.43
N ASP A 96 7.98 -24.48 8.33
CA ASP A 96 8.93 -23.78 9.17
C ASP A 96 9.24 -22.38 8.63
N VAL A 97 9.18 -22.20 7.31
CA VAL A 97 9.50 -20.95 6.65
C VAL A 97 8.46 -20.71 5.56
N VAL A 98 8.02 -19.47 5.43
CA VAL A 98 7.22 -19.01 4.30
C VAL A 98 7.99 -17.92 3.59
N LEU A 99 8.10 -18.03 2.27
CA LEU A 99 8.68 -16.98 1.44
C LEU A 99 7.66 -16.56 0.40
N ASN A 100 7.47 -15.26 0.23
CA ASN A 100 6.48 -14.75 -0.72
C ASN A 100 7.17 -14.11 -1.93
N PHE A 101 7.26 -14.87 -3.03
CA PHE A 101 7.71 -14.34 -4.31
C PHE A 101 6.54 -14.01 -5.23
N ALA A 102 5.31 -14.30 -4.81
CA ALA A 102 4.15 -14.10 -5.69
C ALA A 102 3.84 -12.62 -5.85
N ALA A 103 3.75 -12.16 -7.11
CA ALA A 103 3.52 -10.75 -7.38
C ALA A 103 3.31 -10.57 -8.87
N GLU A 104 2.61 -9.49 -9.22
CA GLU A 104 2.71 -8.90 -10.55
C GLU A 104 3.95 -8.02 -10.59
N THR A 105 4.83 -8.23 -11.58
CA THR A 105 6.17 -7.63 -11.48
C THR A 105 6.64 -6.78 -12.66
N HIS A 106 5.85 -6.62 -13.73
CA HIS A 106 6.34 -5.85 -14.87
C HIS A 106 5.77 -4.42 -14.85
N VAL A 107 6.67 -3.44 -14.76
CA VAL A 107 6.26 -2.04 -14.67
C VAL A 107 5.36 -1.64 -15.84
N ASP A 108 5.68 -2.09 -17.07
CA ASP A 108 4.87 -1.66 -18.20
C ASP A 108 3.46 -2.22 -18.13
N ARG A 109 3.30 -3.47 -17.68
CA ARG A 109 1.95 -3.98 -17.44
C ARG A 109 1.24 -3.16 -16.38
N SER A 110 1.94 -2.74 -15.32
CA SER A 110 1.30 -1.96 -14.27
C SER A 110 0.82 -0.61 -14.80
N ILE A 111 1.53 -0.06 -15.79
CA ILE A 111 1.11 1.22 -16.36
C ILE A 111 -0.15 1.02 -17.21
N ALA A 112 -0.24 -0.13 -17.90
CA ALA A 112 -1.44 -0.39 -18.70
C ALA A 112 -2.66 -0.67 -17.82
N ASP A 113 -2.48 -1.47 -16.76
CA ASP A 113 -3.60 -1.84 -15.90
C ASP A 113 -3.01 -2.31 -14.58
N SER A 114 -3.28 -1.58 -13.51
CA SER A 114 -2.67 -1.90 -12.22
C SER A 114 -3.59 -2.63 -11.26
N ALA A 115 -4.83 -2.95 -11.65
CA ALA A 115 -5.76 -3.57 -10.71
C ALA A 115 -5.19 -4.84 -10.08
N GLU A 116 -4.61 -5.73 -10.90
CA GLU A 116 -4.07 -6.98 -10.35
C GLU A 116 -2.80 -6.75 -9.53
N PHE A 117 -2.08 -5.67 -9.79
CA PHE A 117 -0.92 -5.34 -8.98
C PHE A 117 -1.33 -5.03 -7.54
N LEU A 118 -2.38 -4.23 -7.36
CA LEU A 118 -2.81 -3.95 -6.00
C LEU A 118 -3.44 -5.17 -5.37
N ARG A 119 -4.15 -6.00 -6.15
CA ARG A 119 -4.77 -7.18 -5.58
CA ARG A 119 -4.78 -7.18 -5.57
C ARG A 119 -3.72 -8.17 -5.09
N THR A 120 -2.77 -8.54 -5.95
CA THR A 120 -1.77 -9.53 -5.55
C THR A 120 -0.72 -8.95 -4.62
N ASN A 121 -0.22 -7.75 -4.94
CA ASN A 121 0.96 -7.25 -4.24
C ASN A 121 0.62 -6.57 -2.91
N VAL A 122 -0.65 -6.22 -2.69
CA VAL A 122 -1.08 -5.67 -1.41
C VAL A 122 -2.10 -6.59 -0.72
N GLN A 123 -3.28 -6.79 -1.32
CA GLN A 123 -4.27 -7.64 -0.66
C GLN A 123 -3.72 -9.05 -0.43
N GLY A 124 -3.00 -9.59 -1.41
CA GLY A 124 -2.40 -10.90 -1.24
C GLY A 124 -1.40 -10.97 -0.09
N VAL A 125 -0.69 -9.87 0.16
CA VAL A 125 0.21 -9.84 1.30
C VAL A 125 -0.58 -9.85 2.61
N GLN A 126 -1.65 -9.05 2.71
CA GLN A 126 -2.51 -9.14 3.89
C GLN A 126 -2.98 -10.57 4.11
N SER A 127 -3.43 -11.22 3.03
CA SER A 127 -3.98 -12.56 3.13
C SER A 127 -2.94 -13.54 3.65
N LEU A 128 -1.74 -13.49 3.07
CA LEU A 128 -0.67 -14.40 3.47
C LEU A 128 -0.20 -14.11 4.90
N MET A 129 -0.02 -12.83 5.25
CA MET A 129 0.45 -12.51 6.59
C MET A 129 -0.58 -12.92 7.65
N GLN A 130 -1.85 -12.68 7.39
CA GLN A 130 -2.89 -13.10 8.33
C GLN A 130 -2.90 -14.62 8.50
N ALA A 131 -2.81 -15.35 7.39
CA ALA A 131 -2.78 -16.81 7.49
C ALA A 131 -1.52 -17.30 8.20
N CYS A 132 -0.38 -16.63 7.99
CA CYS A 132 0.82 -16.99 8.73
C CYS A 132 0.67 -16.73 10.22
N LEU A 133 -0.01 -15.64 10.59
CA LEU A 133 -0.24 -15.34 11.99
C LEU A 133 -1.01 -16.47 12.66
N THR A 134 -2.15 -16.84 12.08
CA THR A 134 -3.00 -17.86 12.67
C THR A 134 -2.29 -19.22 12.68
N ALA A 135 -1.52 -19.54 11.65
CA ALA A 135 -0.83 -20.82 11.58
C ALA A 135 0.45 -20.87 12.40
N GLY A 136 0.91 -19.74 12.95
CA GLY A 136 2.11 -19.73 13.75
C GLY A 136 3.40 -20.02 13.00
N VAL A 137 3.46 -19.69 11.72
CA VAL A 137 4.70 -19.88 10.95
C VAL A 137 5.82 -19.08 11.60
N PRO A 138 6.96 -19.69 11.93
CA PRO A 138 7.97 -18.98 12.74
C PRO A 138 8.88 -18.03 11.97
N THR A 139 9.05 -18.20 10.66
CA THR A 139 9.90 -17.31 9.87
C THR A 139 9.21 -17.02 8.56
N ILE A 140 9.07 -15.73 8.23
CA ILE A 140 8.36 -15.28 7.04
C ILE A 140 9.23 -14.24 6.33
N VAL A 141 9.36 -14.35 5.01
CA VAL A 141 10.11 -13.39 4.21
C VAL A 141 9.19 -12.84 3.12
N GLN A 142 8.99 -11.54 3.13
CA GLN A 142 8.28 -10.82 2.08
C GLN A 142 9.33 -10.23 1.14
N VAL A 143 9.36 -10.70 -0.09
CA VAL A 143 10.40 -10.32 -1.05
C VAL A 143 9.92 -9.06 -1.77
N SER A 144 10.75 -8.01 -1.78
CA SER A 144 10.36 -6.72 -2.34
C SER A 144 11.54 -6.13 -3.12
N THR A 145 11.42 -4.84 -3.44
CA THR A 145 12.19 -4.23 -4.53
C THR A 145 12.71 -2.86 -4.14
N ASP A 146 13.84 -2.47 -4.74
CA ASP A 146 14.37 -1.13 -4.54
C ASP A 146 13.46 -0.04 -5.10
N GLU A 147 12.50 -0.39 -5.97
CA GLU A 147 11.73 0.62 -6.66
C GLU A 147 10.78 1.35 -5.73
N VAL A 148 10.55 0.82 -4.53
CA VAL A 148 9.71 1.51 -3.55
C VAL A 148 10.29 2.85 -3.13
N TYR A 149 11.58 3.09 -3.36
CA TYR A 149 12.22 4.34 -2.94
C TYR A 149 12.16 5.44 -3.98
N GLY A 150 11.69 5.16 -5.17
CA GLY A 150 11.58 6.18 -6.22
C GLY A 150 12.81 6.19 -7.12
N SER A 151 13.54 7.30 -7.12
CA SER A 151 14.72 7.46 -7.95
C SER A 151 15.76 8.25 -7.17
N ILE A 152 17.04 7.97 -7.40
CA ILE A 152 18.14 8.62 -6.67
C ILE A 152 19.25 8.99 -7.67
N GLU A 153 19.57 10.28 -7.75
CA GLU A 153 20.49 10.74 -8.78
C GLU A 153 21.93 10.34 -8.48
N ALA A 154 22.34 10.42 -7.20
CA ALA A 154 23.70 10.09 -6.81
C ALA A 154 23.67 9.43 -5.44
N GLY A 155 24.59 8.49 -5.21
CA GLY A 155 24.63 7.82 -3.93
C GLY A 155 23.61 6.69 -3.87
N SER A 156 23.46 6.11 -2.69
CA SER A 156 22.71 4.87 -2.54
C SER A 156 21.75 4.96 -1.37
N TRP A 157 20.69 4.16 -1.45
CA TRP A 157 19.69 4.09 -0.39
C TRP A 157 20.09 3.07 0.67
N SER A 158 20.01 3.48 1.93
CA SER A 158 20.03 2.56 3.06
C SER A 158 18.60 2.25 3.49
N GLU A 159 18.48 1.30 4.43
CA GLU A 159 17.15 0.81 4.82
C GLU A 159 16.28 1.88 5.47
N ASP A 160 16.83 3.03 5.82
CA ASP A 160 16.04 4.12 6.40
C ASP A 160 15.45 5.06 5.37
N ALA A 161 15.70 4.82 4.08
CA ALA A 161 15.25 5.75 3.05
C ALA A 161 13.73 5.80 2.99
N PRO A 162 13.14 6.97 2.77
CA PRO A 162 11.68 7.06 2.74
C PRO A 162 11.09 6.37 1.52
N LEU A 163 9.90 5.80 1.69
CA LEU A 163 9.17 5.28 0.55
C LEU A 163 8.67 6.44 -0.30
N ALA A 164 8.92 6.37 -1.60
CA ALA A 164 8.41 7.35 -2.54
C ALA A 164 8.23 6.71 -3.91
N PRO A 165 7.41 5.66 -4.03
CA PRO A 165 7.28 4.96 -5.32
C PRO A 165 6.62 5.83 -6.37
N ASN A 166 7.07 5.68 -7.62
CA ASN A 166 6.54 6.47 -8.72
C ASN A 166 5.59 5.70 -9.62
N SER A 167 5.83 4.40 -9.85
CA SER A 167 5.01 3.61 -10.75
C SER A 167 3.93 2.86 -9.99
N PRO A 168 2.87 2.41 -10.66
CA PRO A 168 1.88 1.61 -9.94
C PRO A 168 2.46 0.31 -9.41
N TYR A 169 3.37 -0.33 -10.15
CA TYR A 169 4.05 -1.51 -9.62
C TYR A 169 4.77 -1.20 -8.31
N ALA A 170 5.57 -0.13 -8.30
CA ALA A 170 6.35 0.17 -7.11
C ALA A 170 5.46 0.56 -5.95
N ALA A 171 4.35 1.26 -6.22
CA ALA A 171 3.43 1.64 -5.14
C ALA A 171 2.73 0.42 -4.57
N ALA A 172 2.42 -0.55 -5.42
CA ALA A 172 1.81 -1.79 -4.95
C ALA A 172 2.79 -2.60 -4.10
N LYS A 173 4.03 -2.78 -4.59
CA LYS A 173 5.04 -3.42 -3.75
C LYS A 173 5.19 -2.70 -2.41
N ALA A 174 5.22 -1.36 -2.43
CA ALA A 174 5.38 -0.61 -1.17
C ALA A 174 4.19 -0.85 -0.22
N GLY A 175 2.97 -0.84 -0.74
CA GLY A 175 1.82 -1.13 0.10
C GLY A 175 1.90 -2.50 0.73
N GLY A 176 2.36 -3.50 -0.03
CA GLY A 176 2.57 -4.81 0.54
C GLY A 176 3.57 -4.79 1.68
N ASP A 177 4.70 -4.09 1.49
CA ASP A 177 5.67 -4.00 2.57
C ASP A 177 5.05 -3.35 3.79
N LEU A 178 4.24 -2.32 3.57
CA LEU A 178 3.67 -1.58 4.70
C LEU A 178 2.72 -2.44 5.52
N ILE A 179 1.87 -3.24 4.86
CA ILE A 179 0.97 -4.07 5.65
C ILE A 179 1.73 -5.21 6.32
N ALA A 180 2.77 -5.77 5.67
CA ALA A 180 3.58 -6.77 6.34
C ALA A 180 4.26 -6.20 7.58
N LEU A 181 4.85 -5.00 7.45
CA LEU A 181 5.48 -4.38 8.62
C LEU A 181 4.47 -4.04 9.70
N ALA A 182 3.26 -3.65 9.32
CA ALA A 182 2.21 -3.40 10.31
C ALA A 182 1.88 -4.66 11.10
N TYR A 183 1.89 -5.83 10.43
CA TYR A 183 1.65 -7.08 11.16
C TYR A 183 2.80 -7.38 12.12
N ALA A 184 4.03 -7.11 11.69
CA ALA A 184 5.18 -7.30 12.57
C ALA A 184 5.04 -6.43 13.82
N ARG A 185 4.67 -5.16 13.63
CA ARG A 185 4.65 -4.21 14.73
C ARG A 185 3.43 -4.39 15.61
N THR A 186 2.29 -4.80 15.03
CA THR A 186 1.05 -4.90 15.79
C THR A 186 0.94 -6.23 16.52
N TYR A 187 1.30 -7.33 15.86
CA TYR A 187 1.10 -8.68 16.40
C TYR A 187 2.41 -9.39 16.74
N GLY A 188 3.55 -8.80 16.45
CA GLY A 188 4.78 -9.56 16.56
C GLY A 188 4.96 -10.61 15.48
N LEU A 189 4.29 -10.44 14.34
CA LEU A 189 4.46 -11.40 13.26
C LEU A 189 5.92 -11.48 12.85
N PRO A 190 6.51 -12.68 12.76
CA PRO A 190 7.95 -12.77 12.50
C PRO A 190 8.29 -12.67 11.01
N VAL A 191 7.93 -11.54 10.40
CA VAL A 191 8.17 -11.28 8.99
C VAL A 191 9.36 -10.34 8.82
N ARG A 192 10.18 -10.66 7.84
CA ARG A 192 11.33 -9.87 7.40
C ARG A 192 11.10 -9.44 5.95
N ILE A 193 11.55 -8.23 5.59
CA ILE A 193 11.42 -7.68 4.25
C ILE A 193 12.78 -7.66 3.58
N THR A 194 12.85 -8.11 2.34
CA THR A 194 14.05 -7.92 1.52
C THR A 194 13.73 -6.95 0.39
N ARG A 195 14.71 -6.13 0.02
CA ARG A 195 14.58 -5.26 -1.16
C ARG A 195 15.85 -5.36 -1.99
N CYS A 196 15.70 -5.59 -3.29
CA CYS A 196 16.80 -5.98 -4.16
CA CYS A 196 16.86 -5.87 -4.11
C CYS A 196 16.78 -5.15 -5.44
N GLY A 197 17.93 -5.09 -6.12
CA GLY A 197 18.03 -4.48 -7.43
C GLY A 197 17.49 -5.43 -8.51
N ASN A 198 17.59 -4.97 -9.76
CA ASN A 198 17.13 -5.75 -10.91
C ASN A 198 17.85 -7.10 -11.01
N ASN A 199 17.07 -8.18 -11.12
CA ASN A 199 17.61 -9.52 -11.30
C ASN A 199 17.72 -9.89 -12.77
N TYR A 200 18.67 -10.78 -13.06
CA TYR A 200 18.77 -11.43 -14.36
C TYR A 200 19.24 -12.86 -14.12
N GLY A 201 19.07 -13.71 -15.13
CA GLY A 201 19.50 -15.08 -15.06
C GLY A 201 18.57 -16.03 -15.81
N PRO A 202 18.90 -17.32 -15.78
CA PRO A 202 18.08 -18.33 -16.46
C PRO A 202 16.64 -18.34 -15.94
N TYR A 203 15.71 -18.64 -16.87
CA TYR A 203 14.27 -18.78 -16.62
C TYR A 203 13.56 -17.46 -16.33
N GLN A 204 14.14 -16.31 -16.68
CA GLN A 204 13.40 -15.05 -16.55
C GLN A 204 12.44 -14.89 -17.73
N PHE A 205 11.20 -14.51 -17.43
CA PHE A 205 10.21 -14.34 -18.50
C PHE A 205 10.68 -13.24 -19.46
N PRO A 206 10.62 -13.46 -20.79
CA PRO A 206 11.32 -12.56 -21.71
C PRO A 206 10.59 -11.27 -22.05
N GLU A 207 9.90 -10.70 -21.05
CA GLU A 207 9.44 -9.32 -21.09
C GLU A 207 10.38 -8.35 -20.38
N LYS A 208 11.25 -8.83 -19.51
CA LYS A 208 12.22 -8.00 -18.83
C LYS A 208 13.40 -7.73 -19.78
N VAL A 209 14.13 -6.63 -19.53
CA VAL A 209 14.98 -6.07 -20.59
C VAL A 209 16.07 -7.06 -21.03
N ILE A 210 16.71 -7.76 -20.11
CA ILE A 210 17.82 -8.62 -20.53
C ILE A 210 17.31 -9.80 -21.36
N PRO A 211 16.34 -10.59 -20.89
CA PRO A 211 15.88 -11.70 -21.72
C PRO A 211 15.14 -11.26 -22.97
N LEU A 212 14.43 -10.14 -22.93
CA LEU A 212 13.81 -9.61 -24.14
CA LEU A 212 13.82 -9.60 -24.13
C LEU A 212 14.88 -9.28 -25.18
N PHE A 213 15.92 -8.55 -24.77
CA PHE A 213 16.97 -8.19 -25.72
C PHE A 213 17.70 -9.43 -26.23
N LEU A 214 18.03 -10.37 -25.34
CA LEU A 214 18.77 -11.56 -25.76
C LEU A 214 17.95 -12.40 -26.74
N THR A 215 16.68 -12.69 -26.42
CA THR A 215 15.89 -13.54 -27.30
C THR A 215 15.61 -12.85 -28.63
N ARG A 216 15.40 -11.53 -28.62
CA ARG A 216 15.19 -10.85 -29.90
C ARG A 216 16.46 -10.84 -30.74
N LEU A 217 17.62 -10.57 -30.13
CA LEU A 217 18.88 -10.59 -30.88
C LEU A 217 19.18 -11.98 -31.43
N MET A 218 18.84 -13.03 -30.68
CA MET A 218 19.11 -14.38 -31.14
C MET A 218 18.26 -14.74 -32.35
N ASP A 219 17.11 -14.08 -32.53
CA ASP A 219 16.31 -14.23 -33.74
C ASP A 219 16.60 -13.17 -34.79
N GLY A 220 17.65 -12.37 -34.61
CA GLY A 220 17.94 -11.32 -35.57
C GLY A 220 16.92 -10.21 -35.63
N ARG A 221 16.22 -9.96 -34.52
CA ARG A 221 15.24 -8.90 -34.45
C ARG A 221 15.82 -7.68 -33.73
N SER A 222 15.07 -6.59 -33.81
CA SER A 222 15.45 -5.32 -33.20
CA SER A 222 15.51 -5.35 -33.20
C SER A 222 15.14 -5.33 -31.71
N VAL A 223 15.89 -4.53 -30.96
CA VAL A 223 15.70 -4.38 -29.52
C VAL A 223 15.25 -2.95 -29.22
N PRO A 224 14.19 -2.76 -28.42
CA PRO A 224 13.64 -1.41 -28.18
C PRO A 224 14.25 -0.72 -26.98
N LEU A 225 15.08 0.30 -27.21
CA LEU A 225 15.73 1.04 -26.13
C LEU A 225 14.87 2.25 -25.76
N TYR A 226 14.35 2.24 -24.53
CA TYR A 226 13.41 3.27 -24.09
C TYR A 226 14.08 4.64 -23.98
N GLY A 227 13.44 5.65 -24.57
CA GLY A 227 13.85 7.01 -24.26
C GLY A 227 15.27 7.31 -24.68
N ASP A 228 16.04 7.95 -23.79
CA ASP A 228 17.42 8.32 -24.10
C ASP A 228 18.43 7.27 -23.67
N GLY A 229 17.99 6.17 -23.07
CA GLY A 229 18.89 5.10 -22.69
C GLY A 229 19.75 5.37 -21.47
N ARG A 230 19.61 6.51 -20.81
CA ARG A 230 20.50 6.88 -19.71
C ARG A 230 19.99 6.45 -18.35
N ASN A 231 18.84 5.79 -18.28
CA ASN A 231 18.38 5.28 -17.00
C ASN A 231 19.35 4.23 -16.47
N VAL A 232 19.46 4.15 -15.15
CA VAL A 232 20.49 3.39 -14.46
C VAL A 232 19.83 2.30 -13.63
N ARG A 233 20.28 1.06 -13.80
CA ARG A 233 19.86 -0.05 -12.96
C ARG A 233 21.10 -0.72 -12.41
N ASP A 234 20.95 -1.36 -11.26
CA ASP A 234 22.05 -2.03 -10.57
C ASP A 234 21.75 -3.52 -10.58
N TRP A 235 22.49 -4.27 -11.36
CA TRP A 235 22.13 -5.64 -11.74
C TRP A 235 22.71 -6.68 -10.78
N ILE A 236 21.90 -7.68 -10.44
CA ILE A 236 22.31 -8.76 -9.55
C ILE A 236 21.83 -10.08 -10.16
N HIS A 237 22.68 -11.09 -10.15
CA HIS A 237 22.28 -12.41 -10.63
C HIS A 237 21.29 -13.03 -9.66
N VAL A 238 20.27 -13.71 -10.20
CA VAL A 238 19.24 -14.31 -9.35
C VAL A 238 19.81 -15.23 -8.27
N ALA A 239 20.94 -15.89 -8.53
CA ALA A 239 21.51 -16.77 -7.51
C ALA A 239 22.01 -15.99 -6.31
N ASP A 240 22.58 -14.81 -6.53
CA ASP A 240 23.01 -13.98 -5.40
C ASP A 240 21.81 -13.39 -4.65
N HIS A 241 20.77 -12.97 -5.38
CA HIS A 241 19.55 -12.52 -4.71
C HIS A 241 19.03 -13.60 -3.77
N CYS A 242 18.97 -14.84 -4.25
CA CYS A 242 18.43 -15.92 -3.43
C CYS A 242 19.35 -16.23 -2.25
N ARG A 243 20.67 -16.11 -2.43
CA ARG A 243 21.57 -16.30 -1.29
C ARG A 243 21.38 -15.21 -0.26
N GLY A 244 21.14 -13.96 -0.70
CA GLY A 244 20.81 -12.91 0.24
C GLY A 244 19.53 -13.20 1.01
N ILE A 245 18.50 -13.67 0.29
CA ILE A 245 17.25 -14.04 0.94
C ILE A 245 17.48 -15.14 1.96
N GLN A 246 18.31 -16.13 1.62
CA GLN A 246 18.58 -17.20 2.58
C GLN A 246 19.34 -16.68 3.79
N THR A 247 20.22 -15.69 3.59
CA THR A 247 20.87 -15.04 4.72
C THR A 247 19.83 -14.39 5.64
N VAL A 248 18.82 -13.76 5.05
CA VAL A 248 17.76 -13.16 5.86
C VAL A 248 16.96 -14.24 6.59
N VAL A 249 16.68 -15.37 5.93
CA VAL A 249 16.01 -16.48 6.59
C VAL A 249 16.78 -16.94 7.83
N GLU A 250 18.09 -17.08 7.70
CA GLU A 250 18.88 -17.72 8.75
C GLU A 250 19.34 -16.74 9.81
N ARG A 251 19.51 -15.45 9.48
CA ARG A 251 20.14 -14.52 10.40
C ARG A 251 19.41 -13.19 10.57
N GLY A 252 18.32 -12.96 9.85
CA GLY A 252 17.60 -11.72 10.00
C GLY A 252 16.70 -11.73 11.20
N ALA A 253 16.10 -10.57 11.47
CA ALA A 253 15.24 -10.38 12.63
C ALA A 253 13.87 -9.87 12.22
N SER A 254 12.86 -10.28 12.99
CA SER A 254 11.48 -9.87 12.74
C SER A 254 11.36 -8.34 12.63
N GLY A 255 10.56 -7.89 11.68
CA GLY A 255 10.26 -6.49 11.53
C GLY A 255 11.30 -5.65 10.83
N GLU A 256 12.39 -6.26 10.39
CA GLU A 256 13.51 -5.54 9.78
CA GLU A 256 13.51 -5.54 9.78
C GLU A 256 13.46 -5.66 8.26
N VAL A 257 14.01 -4.64 7.60
CA VAL A 257 14.23 -4.61 6.15
C VAL A 257 15.69 -4.85 5.85
N TYR A 258 15.98 -5.61 4.80
CA TYR A 258 17.36 -5.92 4.41
C TYR A 258 17.52 -5.66 2.92
N HIS A 259 18.46 -4.78 2.57
CA HIS A 259 18.81 -4.57 1.18
C HIS A 259 19.72 -5.68 0.68
N ILE A 260 19.56 -6.00 -0.61
CA ILE A 260 20.45 -6.90 -1.33
C ILE A 260 20.84 -6.13 -2.60
N ALA A 261 22.08 -5.65 -2.63
CA ALA A 261 22.43 -4.66 -3.64
C ALA A 261 22.86 -5.32 -4.94
N GLY A 262 22.74 -4.55 -6.02
CA GLY A 262 23.35 -4.97 -7.27
C GLY A 262 24.85 -4.78 -7.24
N THR A 263 25.53 -5.40 -8.21
CA THR A 263 26.98 -5.28 -8.33
C THR A 263 27.40 -4.98 -9.74
N ALA A 264 26.52 -4.35 -10.52
CA ALA A 264 26.87 -3.86 -11.85
C ALA A 264 25.92 -2.69 -12.14
N GLU A 265 26.36 -1.49 -11.79
CA GLU A 265 25.56 -0.30 -12.04
C GLU A 265 25.81 0.16 -13.47
N LEU A 266 24.76 0.15 -14.29
CA LEU A 266 24.90 0.40 -15.72
C LEU A 266 23.77 1.29 -16.20
N THR A 267 24.09 2.25 -17.07
CA THR A 267 23.01 2.84 -17.86
C THR A 267 22.47 1.80 -18.82
N ASN A 268 21.25 2.04 -19.31
CA ASN A 268 20.71 1.10 -20.28
C ASN A 268 21.52 1.09 -21.58
N LEU A 269 22.18 2.20 -21.92
CA LEU A 269 23.10 2.20 -23.05
C LEU A 269 24.30 1.29 -22.78
N GLU A 270 24.85 1.35 -21.57
CA GLU A 270 25.98 0.49 -21.22
CA GLU A 270 25.98 0.49 -21.22
C GLU A 270 25.55 -0.97 -21.16
N LEU A 271 24.37 -1.24 -20.60
CA LEU A 271 23.84 -2.60 -20.59
C LEU A 271 23.70 -3.12 -22.01
N THR A 272 23.13 -2.30 -22.90
CA THR A 272 23.00 -2.70 -24.30
C THR A 272 24.34 -3.08 -24.91
N GLN A 273 25.40 -2.30 -24.64
CA GLN A 273 26.72 -2.65 -25.15
C GLN A 273 27.15 -4.04 -24.64
N HIS A 274 26.94 -4.31 -23.34
CA HIS A 274 27.31 -5.61 -22.79
C HIS A 274 26.52 -6.74 -23.45
N LEU A 275 25.22 -6.53 -23.68
CA LEU A 275 24.41 -7.56 -24.31
C LEU A 275 24.84 -7.80 -25.75
N LEU A 276 25.06 -6.73 -26.51
CA LEU A 276 25.51 -6.87 -27.88
C LEU A 276 26.84 -7.61 -27.95
N ASP A 277 27.79 -7.25 -27.09
CA ASP A 277 29.08 -7.94 -27.07
C ASP A 277 28.91 -9.42 -26.78
N ALA A 278 28.02 -9.77 -25.83
CA ALA A 278 27.89 -11.15 -25.41
C ALA A 278 27.24 -12.04 -26.46
N VAL A 279 26.46 -11.50 -27.39
CA VAL A 279 25.83 -12.29 -28.43
C VAL A 279 26.42 -11.99 -29.81
N GLY A 280 27.49 -11.21 -29.87
CA GLY A 280 28.04 -10.82 -31.16
C GLY A 280 27.10 -9.97 -32.00
N GLY A 281 26.25 -9.16 -31.35
CA GLY A 281 25.30 -8.33 -32.06
C GLY A 281 25.87 -6.98 -32.45
N SER A 282 25.05 -6.21 -33.18
CA SER A 282 25.43 -4.93 -33.72
C SER A 282 24.48 -3.83 -33.24
N TRP A 283 25.01 -2.62 -33.07
CA TRP A 283 24.15 -1.48 -32.76
C TRP A 283 23.10 -1.21 -33.85
N ASP A 284 23.24 -1.77 -35.05
CA ASP A 284 22.21 -1.63 -36.08
CA ASP A 284 22.18 -1.54 -36.03
C ASP A 284 20.88 -2.23 -35.64
N ALA A 285 20.90 -3.12 -34.64
CA ALA A 285 19.69 -3.75 -34.15
C ALA A 285 18.98 -2.94 -33.08
N VAL A 286 19.58 -1.85 -32.60
CA VAL A 286 19.02 -1.11 -31.47
C VAL A 286 18.12 0.01 -31.99
N GLU A 287 16.84 -0.03 -31.60
CA GLU A 287 15.88 1.00 -31.94
C GLU A 287 15.60 1.90 -30.75
N ARG A 288 15.73 3.21 -30.95
CA ARG A 288 15.24 4.17 -29.97
C ARG A 288 13.73 4.23 -30.06
N VAL A 289 13.07 4.11 -28.92
CA VAL A 289 11.61 4.11 -28.87
C VAL A 289 11.17 5.11 -27.82
N PRO A 290 9.90 5.53 -27.83
CA PRO A 290 9.44 6.52 -26.84
C PRO A 290 9.63 6.02 -25.42
N ASP A 291 9.85 6.96 -24.51
CA ASP A 291 10.16 6.63 -23.12
C ASP A 291 8.94 6.06 -22.41
N ARG A 292 9.21 5.25 -21.40
CA ARG A 292 8.19 4.74 -20.49
C ARG A 292 7.64 5.89 -19.62
N LYS A 293 6.31 5.87 -19.42
CA LYS A 293 5.68 6.90 -18.58
C LYS A 293 6.21 6.84 -17.14
N GLY A 294 6.63 7.99 -16.63
CA GLY A 294 7.11 8.09 -15.26
C GLY A 294 8.40 7.33 -14.98
N HIS A 295 9.11 6.90 -16.02
CA HIS A 295 10.31 6.06 -15.95
C HIS A 295 11.27 6.49 -14.85
N ASP A 296 11.61 5.56 -13.95
CA ASP A 296 12.56 5.90 -12.88
C ASP A 296 13.97 6.06 -13.46
N ARG A 297 14.64 7.16 -13.08
CA ARG A 297 15.95 7.46 -13.64
CA ARG A 297 15.95 7.46 -13.64
C ARG A 297 17.04 6.54 -13.10
N ARG A 298 17.05 6.28 -11.79
CA ARG A 298 18.16 5.52 -11.24
C ARG A 298 17.81 4.88 -9.90
N TYR A 299 18.22 3.62 -9.73
CA TYR A 299 18.14 2.89 -8.47
C TYR A 299 19.53 2.54 -7.97
N SER A 300 19.77 2.69 -6.66
CA SER A 300 21.03 2.26 -6.08
C SER A 300 20.81 1.94 -4.61
N LEU A 301 21.23 0.74 -4.18
CA LEU A 301 21.12 0.32 -2.80
C LEU A 301 22.49 0.15 -2.15
N SER A 302 22.54 0.46 -0.86
CA SER A 302 23.63 0.00 0.00
CA SER A 302 23.62 -0.01 -0.01
C SER A 302 23.14 -1.23 0.76
N ASP A 303 23.96 -2.29 0.76
CA ASP A 303 23.61 -3.51 1.50
C ASP A 303 24.61 -3.81 2.62
N ALA A 304 25.13 -2.75 3.25
CA ALA A 304 26.05 -2.93 4.38
C ALA A 304 25.39 -3.74 5.50
N LYS A 305 24.10 -3.52 5.73
CA LYS A 305 23.41 -4.18 6.84
C LYS A 305 23.42 -5.71 6.68
N LEU A 306 23.08 -6.19 5.49
CA LEU A 306 23.07 -7.63 5.27
C LEU A 306 24.47 -8.21 5.13
N ARG A 307 25.39 -7.44 4.54
CA ARG A 307 26.78 -7.90 4.49
C ARG A 307 27.33 -8.13 5.89
N ALA A 308 26.91 -7.31 6.86
CA ALA A 308 27.35 -7.52 8.23
C ALA A 308 26.85 -8.83 8.81
N LEU A 309 25.81 -9.43 8.23
CA LEU A 309 25.34 -10.75 8.61
C LEU A 309 25.94 -11.85 7.74
N GLY A 310 26.92 -11.53 6.91
CA GLY A 310 27.66 -12.55 6.18
C GLY A 310 27.29 -12.72 4.73
N TYR A 311 26.33 -11.97 4.20
CA TYR A 311 26.04 -12.07 2.78
C TYR A 311 27.16 -11.45 1.96
N ALA A 312 27.53 -12.13 0.86
CA ALA A 312 28.41 -11.57 -0.13
C ALA A 312 28.03 -12.15 -1.49
N PRO A 313 27.93 -11.31 -2.52
CA PRO A 313 27.64 -11.83 -3.86
C PRO A 313 28.77 -12.69 -4.39
N ARG A 314 28.40 -13.73 -5.15
CA ARG A 314 29.37 -14.66 -5.70
C ARG A 314 29.48 -14.64 -7.22
N VAL A 315 28.59 -13.93 -7.92
CA VAL A 315 28.51 -14.00 -9.38
C VAL A 315 28.92 -12.64 -9.95
N PRO A 316 30.12 -12.51 -10.50
CA PRO A 316 30.45 -11.28 -11.23
C PRO A 316 29.59 -11.15 -12.47
N PHE A 317 29.25 -9.91 -12.81
CA PHE A 317 28.31 -9.68 -13.92
C PHE A 317 28.79 -10.31 -15.22
N ALA A 318 30.08 -10.18 -15.54
CA ALA A 318 30.58 -10.77 -16.78
C ALA A 318 30.32 -12.28 -16.80
N ASP A 319 30.59 -12.95 -15.69
CA ASP A 319 30.38 -14.39 -15.62
C ASP A 319 28.90 -14.73 -15.68
N GLY A 320 28.09 -14.06 -14.86
CA GLY A 320 26.66 -14.33 -14.86
C GLY A 320 26.01 -14.05 -16.21
N LEU A 321 26.43 -12.98 -16.88
CA LEU A 321 25.85 -12.69 -18.18
C LEU A 321 26.24 -13.74 -19.21
N ALA A 322 27.50 -14.19 -19.18
CA ALA A 322 27.91 -15.26 -20.09
C ALA A 322 27.08 -16.53 -19.85
N GLU A 323 26.85 -16.89 -18.59
CA GLU A 323 26.01 -18.05 -18.29
C GLU A 323 24.58 -17.83 -18.76
N THR A 324 24.08 -16.61 -18.60
CA THR A 324 22.69 -16.35 -18.98
C THR A 324 22.52 -16.38 -20.49
N VAL A 325 23.47 -15.82 -21.23
CA VAL A 325 23.45 -15.91 -22.70
C VAL A 325 23.47 -17.37 -23.13
N ALA A 326 24.38 -18.16 -22.55
CA ALA A 326 24.41 -19.59 -22.86
C ALA A 326 23.06 -20.24 -22.56
N TRP A 327 22.44 -19.89 -21.44
CA TRP A 327 21.16 -20.50 -21.10
C TRP A 327 20.09 -20.20 -22.15
N TYR A 328 19.90 -18.91 -22.51
CA TYR A 328 18.88 -18.58 -23.49
C TYR A 328 19.23 -19.19 -24.85
N ARG A 329 20.51 -19.21 -25.21
CA ARG A 329 20.92 -19.83 -26.47
C ARG A 329 20.53 -21.31 -26.54
N ALA A 330 20.52 -22.01 -25.41
CA ALA A 330 20.24 -23.43 -25.41
C ALA A 330 18.80 -23.75 -25.08
N ASN A 331 17.98 -22.75 -24.76
CA ASN A 331 16.63 -23.02 -24.27
C ASN A 331 15.57 -22.41 -25.13
N ARG A 332 15.76 -22.45 -26.45
CA ARG A 332 14.70 -22.03 -27.36
C ARG A 332 13.39 -22.78 -27.10
N HIS A 333 13.46 -24.06 -26.72
CA HIS A 333 12.21 -24.77 -26.44
C HIS A 333 11.41 -24.08 -25.35
N TRP A 334 12.09 -23.49 -24.38
CA TRP A 334 11.43 -22.81 -23.28
C TRP A 334 10.96 -21.41 -23.66
N TRP A 335 11.78 -20.61 -24.37
CA TRP A 335 11.37 -19.22 -24.58
C TRP A 335 10.66 -18.95 -25.90
N GLU A 336 10.87 -19.76 -26.94
CA GLU A 336 10.22 -19.48 -28.22
C GLU A 336 8.70 -19.34 -28.10
N PRO A 337 7.97 -20.21 -27.38
CA PRO A 337 6.52 -19.98 -27.25
C PRO A 337 6.18 -18.71 -26.53
N LEU A 338 7.03 -18.27 -25.59
CA LEU A 338 6.77 -17.03 -24.86
C LEU A 338 7.04 -15.81 -25.76
N ARG A 339 8.13 -15.84 -26.53
CA ARG A 339 8.40 -14.78 -27.50
C ARG A 339 7.31 -14.71 -28.55
N LYS A 340 6.84 -15.86 -29.02
CA LYS A 340 5.79 -15.89 -30.04
C LYS A 340 4.53 -15.18 -29.56
N GLN A 341 4.10 -15.47 -28.34
CA GLN A 341 2.91 -14.81 -27.79
C GLN A 341 3.14 -13.31 -27.65
N LEU A 342 4.26 -12.92 -27.02
CA LEU A 342 4.53 -11.51 -26.80
C LEU A 342 4.64 -10.73 -28.10
N ASP A 343 5.17 -11.37 -29.15
CA ASP A 343 5.18 -10.78 -30.48
C ASP A 343 3.78 -10.89 -31.11
N LEU B 14 -13.18 27.49 -10.01
CA LEU B 14 -13.70 26.34 -10.75
C LEU B 14 -14.58 26.76 -11.91
N VAL B 15 -14.38 26.13 -13.07
CA VAL B 15 -15.30 26.27 -14.20
C VAL B 15 -16.14 25.00 -14.27
N PRO B 16 -17.37 25.01 -13.73
CA PRO B 16 -18.18 23.80 -13.78
C PRO B 16 -18.50 23.41 -15.22
N ARG B 17 -18.57 22.10 -15.46
CA ARG B 17 -18.94 21.62 -16.78
C ARG B 17 -20.37 22.03 -17.12
N GLY B 18 -21.28 21.95 -16.15
CA GLY B 18 -22.67 22.31 -16.35
C GLY B 18 -23.00 23.70 -15.83
N SER B 19 -24.30 23.96 -15.66
CA SER B 19 -24.73 25.27 -15.19
C SER B 19 -24.34 25.51 -13.73
N VAL B 20 -24.39 24.48 -12.91
CA VAL B 20 -23.97 24.55 -11.51
C VAL B 20 -22.87 23.53 -11.31
N PRO B 21 -22.02 23.71 -10.29
CA PRO B 21 -21.01 22.69 -10.01
C PRO B 21 -21.64 21.36 -9.66
N ARG B 22 -20.93 20.28 -10.01
CA ARG B 22 -21.39 18.92 -9.78
C ARG B 22 -20.28 18.19 -9.04
N VAL B 23 -20.52 17.84 -7.79
CA VAL B 23 -19.49 17.34 -6.89
C VAL B 23 -19.84 15.90 -6.53
N PHE B 24 -18.85 15.02 -6.64
CA PHE B 24 -19.00 13.60 -6.35
C PHE B 24 -18.30 13.30 -5.02
N VAL B 25 -19.04 12.75 -4.06
CA VAL B 25 -18.51 12.50 -2.71
C VAL B 25 -18.67 11.01 -2.41
N ALA B 26 -17.58 10.25 -2.56
CA ALA B 26 -17.58 8.87 -2.11
C ALA B 26 -17.47 8.84 -0.58
N GLY B 27 -18.18 7.90 0.03
CA GLY B 27 -18.23 7.84 1.49
C GLY B 27 -19.01 8.96 2.12
N GLY B 28 -19.89 9.63 1.38
CA GLY B 28 -20.63 10.78 1.87
C GLY B 28 -21.77 10.50 2.83
N ALA B 29 -22.03 9.24 3.17
CA ALA B 29 -22.99 8.90 4.21
C ALA B 29 -22.32 8.61 5.56
N GLY B 30 -21.00 8.79 5.65
CA GLY B 30 -20.27 8.61 6.88
C GLY B 30 -20.18 9.91 7.66
N PHE B 31 -19.33 9.88 8.70
CA PHE B 31 -19.24 11.03 9.62
C PHE B 31 -18.71 12.28 8.94
N ILE B 32 -17.47 12.22 8.44
CA ILE B 32 -16.86 13.42 7.87
C ILE B 32 -17.46 13.74 6.51
N GLY B 33 -17.69 12.73 5.68
CA GLY B 33 -18.22 12.96 4.34
C GLY B 33 -19.60 13.60 4.36
N SER B 34 -20.46 13.18 5.30
CA SER B 34 -21.78 13.78 5.39
C SER B 34 -21.70 15.21 5.88
N HIS B 35 -20.75 15.51 6.78
CA HIS B 35 -20.58 16.91 7.17
C HIS B 35 -20.19 17.76 5.96
N TYR B 36 -19.23 17.28 5.17
CA TYR B 36 -18.83 18.00 3.96
C TYR B 36 -20.03 18.25 3.06
N VAL B 37 -20.85 17.23 2.81
CA VAL B 37 -22.01 17.38 1.95
C VAL B 37 -22.98 18.41 2.53
N ARG B 38 -23.27 18.32 3.84
CA ARG B 38 -24.23 19.24 4.44
C ARG B 38 -23.75 20.68 4.36
N GLU B 39 -22.45 20.92 4.60
CA GLU B 39 -21.91 22.27 4.48
C GLU B 39 -21.97 22.77 3.04
N LEU B 40 -21.58 21.92 2.08
CA LEU B 40 -21.56 22.32 0.67
C LEU B 40 -22.96 22.66 0.20
N VAL B 41 -23.94 21.83 0.53
CA VAL B 41 -25.32 22.10 0.13
C VAL B 41 -25.84 23.36 0.81
N ALA B 42 -25.46 23.58 2.07
CA ALA B 42 -25.96 24.74 2.80
C ALA B 42 -25.36 26.06 2.30
N GLY B 43 -24.34 26.01 1.46
CA GLY B 43 -23.70 27.22 0.98
C GLY B 43 -22.58 27.74 1.84
N ALA B 44 -22.04 26.92 2.75
CA ALA B 44 -21.01 27.38 3.67
C ALA B 44 -19.72 27.77 2.95
N TYR B 45 -19.47 27.21 1.77
CA TYR B 45 -18.26 27.45 1.02
C TYR B 45 -18.57 28.44 -0.08
N ALA B 46 -18.03 29.65 0.05
CA ALA B 46 -18.31 30.72 -0.90
C ALA B 46 -17.83 30.34 -2.30
N GLY B 47 -18.66 30.62 -3.30
CA GLY B 47 -18.39 30.23 -4.66
C GLY B 47 -18.96 28.88 -5.05
N TRP B 48 -19.54 28.14 -4.12
CA TRP B 48 -20.04 26.79 -4.37
C TRP B 48 -21.49 26.69 -3.91
N GLN B 49 -22.34 27.57 -4.45
CA GLN B 49 -23.76 27.55 -4.14
C GLN B 49 -24.54 26.92 -5.28
N GLY B 50 -25.62 26.24 -4.92
CA GLY B 50 -26.46 25.58 -5.89
C GLY B 50 -25.87 24.32 -6.48
N CYS B 51 -24.82 23.78 -5.87
CA CYS B 51 -24.16 22.59 -6.40
C CYS B 51 -25.13 21.42 -6.51
N GLU B 52 -24.96 20.64 -7.56
CA GLU B 52 -25.50 19.29 -7.59
C GLU B 52 -24.47 18.36 -6.95
N VAL B 53 -24.94 17.44 -6.13
CA VAL B 53 -24.07 16.58 -5.34
C VAL B 53 -24.48 15.14 -5.57
N THR B 54 -23.52 14.31 -5.95
CA THR B 54 -23.71 12.87 -6.02
C THR B 54 -22.95 12.23 -4.86
N VAL B 55 -23.65 11.45 -4.06
CA VAL B 55 -23.03 10.71 -2.96
C VAL B 55 -23.05 9.23 -3.33
N LEU B 56 -21.87 8.60 -3.30
CA LEU B 56 -21.74 7.17 -3.49
C LEU B 56 -21.26 6.57 -2.18
N ASP B 57 -22.00 5.60 -1.66
CA ASP B 57 -21.68 5.02 -0.37
C ASP B 57 -22.25 3.61 -0.30
N SER B 58 -21.46 2.66 0.18
CA SER B 58 -21.92 1.28 0.23
C SER B 58 -22.73 0.97 1.48
N LEU B 59 -22.91 1.96 2.35
CA LEU B 59 -23.64 1.82 3.60
C LEU B 59 -23.18 0.58 4.39
N THR B 60 -21.91 0.62 4.79
CA THR B 60 -21.40 -0.32 5.77
C THR B 60 -22.06 -0.05 7.11
N TYR B 61 -21.60 -0.76 8.14
CA TYR B 61 -22.06 -0.50 9.51
C TYR B 61 -21.96 0.98 9.85
N ALA B 62 -21.04 1.72 9.22
CA ALA B 62 -20.76 3.11 9.56
C ALA B 62 -21.52 4.10 8.70
N GLY B 63 -22.08 3.69 7.56
CA GLY B 63 -22.87 4.59 6.76
C GLY B 63 -24.27 4.75 7.33
N ASN B 64 -24.83 5.93 7.14
CA ASN B 64 -26.12 6.26 7.77
C ASN B 64 -26.80 7.34 6.93
N LEU B 65 -27.89 6.97 6.27
CA LEU B 65 -28.64 7.94 5.48
C LEU B 65 -29.26 9.04 6.34
N ALA B 66 -29.45 8.80 7.64
CA ALA B 66 -29.91 9.86 8.53
C ALA B 66 -28.94 11.04 8.53
N ASN B 67 -27.66 10.77 8.26
CA ASN B 67 -26.67 11.84 8.22
C ASN B 67 -26.92 12.83 7.10
N LEU B 68 -27.76 12.47 6.13
CA LEU B 68 -28.05 13.32 4.98
C LEU B 68 -29.52 13.76 4.96
N ALA B 69 -30.23 13.60 6.07
CA ALA B 69 -31.68 13.83 6.08
C ALA B 69 -32.02 15.25 5.64
N GLY B 70 -31.27 16.24 6.09
CA GLY B 70 -31.56 17.63 5.79
C GLY B 70 -31.22 18.10 4.39
N VAL B 71 -30.60 17.25 3.56
CA VAL B 71 -30.19 17.64 2.22
C VAL B 71 -30.68 16.62 1.20
N ARG B 72 -31.77 15.91 1.54
CA ARG B 72 -32.29 14.84 0.67
C ARG B 72 -32.54 15.32 -0.75
N ASP B 73 -33.17 16.50 -0.89
CA ASP B 73 -33.61 16.97 -2.20
C ASP B 73 -32.50 17.63 -3.01
N ALA B 74 -31.30 17.80 -2.46
CA ALA B 74 -30.20 18.39 -3.19
C ALA B 74 -29.13 17.37 -3.60
N VAL B 75 -29.27 16.12 -3.17
CA VAL B 75 -28.24 15.11 -3.33
C VAL B 75 -28.82 13.93 -4.07
N THR B 76 -28.09 13.43 -5.08
CA THR B 76 -28.39 12.13 -5.67
C THR B 76 -27.58 11.07 -4.93
N PHE B 77 -28.27 10.15 -4.26
CA PHE B 77 -27.60 9.09 -3.52
C PHE B 77 -27.57 7.80 -4.33
N VAL B 78 -26.40 7.18 -4.38
CA VAL B 78 -26.17 5.91 -5.06
C VAL B 78 -25.57 4.95 -4.05
N ARG B 79 -26.28 3.85 -3.76
CA ARG B 79 -25.73 2.81 -2.90
C ARG B 79 -24.79 1.97 -3.76
N GLY B 80 -23.49 2.07 -3.50
CA GLY B 80 -22.50 1.35 -4.29
C GLY B 80 -21.13 1.43 -3.65
N ASP B 81 -20.21 0.68 -4.22
CA ASP B 81 -18.88 0.46 -3.67
C ASP B 81 -17.84 1.13 -4.55
N ILE B 82 -16.87 1.82 -3.93
CA ILE B 82 -15.83 2.44 -4.75
C ILE B 82 -14.95 1.41 -5.46
N CYS B 83 -15.02 0.15 -5.06
CA CYS B 83 -14.33 -0.91 -5.78
C CYS B 83 -15.04 -1.33 -7.06
N ASP B 84 -16.27 -0.85 -7.29
CA ASP B 84 -17.08 -1.25 -8.43
C ASP B 84 -16.73 -0.33 -9.60
N GLY B 85 -15.66 -0.70 -10.30
CA GLY B 85 -15.19 0.11 -11.41
C GLY B 85 -16.21 0.30 -12.51
N ARG B 86 -17.06 -0.69 -12.74
CA ARG B 86 -18.09 -0.55 -13.77
C ARG B 86 -19.09 0.53 -13.38
N LEU B 87 -19.54 0.52 -12.13
CA LEU B 87 -20.43 1.57 -11.64
C LEU B 87 -19.77 2.93 -11.73
N LEU B 88 -18.51 3.04 -11.31
CA LEU B 88 -17.83 4.34 -11.33
C LEU B 88 -17.72 4.87 -12.75
N ALA B 89 -17.47 3.99 -13.72
CA ALA B 89 -17.34 4.45 -15.10
C ALA B 89 -18.62 5.07 -15.63
N GLU B 90 -19.77 4.64 -15.11
CA GLU B 90 -21.02 5.24 -15.57
C GLU B 90 -21.49 6.40 -14.70
N VAL B 91 -21.05 6.50 -13.43
CA VAL B 91 -21.53 7.59 -12.57
C VAL B 91 -20.59 8.81 -12.58
N LEU B 92 -19.30 8.61 -12.74
CA LEU B 92 -18.34 9.71 -12.60
C LEU B 92 -18.39 10.78 -13.69
N PRO B 93 -18.59 10.43 -14.97
CA PRO B 93 -18.59 11.47 -16.01
C PRO B 93 -19.52 12.64 -15.67
N GLY B 94 -19.02 13.85 -15.93
CA GLY B 94 -19.77 15.06 -15.68
C GLY B 94 -19.52 15.73 -14.36
N HIS B 95 -18.72 15.12 -13.48
CA HIS B 95 -18.45 15.69 -12.18
C HIS B 95 -17.17 16.52 -12.22
N ASP B 96 -17.24 17.71 -11.62
CA ASP B 96 -16.10 18.62 -11.56
C ASP B 96 -15.08 18.22 -10.49
N VAL B 97 -15.54 17.66 -9.38
CA VAL B 97 -14.68 17.33 -8.25
C VAL B 97 -15.09 15.96 -7.73
N VAL B 98 -14.10 15.12 -7.43
CA VAL B 98 -14.31 13.85 -6.73
C VAL B 98 -13.56 13.92 -5.40
N LEU B 99 -14.28 13.66 -4.32
CA LEU B 99 -13.68 13.54 -2.99
C LEU B 99 -13.94 12.14 -2.47
N ASN B 100 -12.90 11.51 -1.93
CA ASN B 100 -13.00 10.14 -1.42
C ASN B 100 -12.89 10.15 0.10
N PHE B 101 -14.04 10.11 0.79
CA PHE B 101 -14.11 9.83 2.21
C PHE B 101 -14.37 8.36 2.51
N ALA B 102 -14.56 7.52 1.49
CA ALA B 102 -14.94 6.13 1.73
C ALA B 102 -13.74 5.33 2.27
N ALA B 103 -13.94 4.66 3.40
CA ALA B 103 -12.87 3.90 4.05
C ALA B 103 -13.43 3.12 5.23
N GLU B 104 -12.74 2.03 5.56
CA GLU B 104 -12.81 1.45 6.90
C GLU B 104 -11.91 2.27 7.81
N THR B 105 -12.44 2.72 8.97
CA THR B 105 -11.76 3.77 9.74
C THR B 105 -11.50 3.48 11.22
N HIS B 106 -11.91 2.35 11.75
CA HIS B 106 -11.75 2.09 13.17
C HIS B 106 -10.55 1.19 13.42
N VAL B 107 -9.55 1.71 14.14
CA VAL B 107 -8.31 0.98 14.37
C VAL B 107 -8.59 -0.38 15.02
N ASP B 108 -9.47 -0.43 16.03
CA ASP B 108 -9.69 -1.71 16.71
C ASP B 108 -10.34 -2.73 15.80
N ARG B 109 -11.22 -2.29 14.89
CA ARG B 109 -11.74 -3.21 13.89
C ARG B 109 -10.62 -3.73 12.99
N SER B 110 -9.65 -2.87 12.64
CA SER B 110 -8.56 -3.33 11.78
C SER B 110 -7.68 -4.36 12.47
N ILE B 111 -7.58 -4.29 13.80
CA ILE B 111 -6.82 -5.28 14.57
C ILE B 111 -7.53 -6.62 14.55
N ALA B 112 -8.86 -6.61 14.65
CA ALA B 112 -9.61 -7.86 14.62
C ALA B 112 -9.57 -8.51 13.23
N ASP B 113 -9.73 -7.71 12.18
CA ASP B 113 -9.74 -8.23 10.81
C ASP B 113 -9.47 -7.08 9.87
N SER B 114 -8.35 -7.13 9.15
CA SER B 114 -7.98 -6.01 8.29
C SER B 114 -8.29 -6.23 6.82
N ALA B 115 -8.89 -7.36 6.44
CA ALA B 115 -9.11 -7.63 5.02
C ALA B 115 -9.89 -6.52 4.34
N GLU B 116 -10.99 -6.05 4.95
CA GLU B 116 -11.78 -5.00 4.32
C GLU B 116 -11.07 -3.66 4.34
N PHE B 117 -10.13 -3.46 5.28
CA PHE B 117 -9.33 -2.25 5.27
C PHE B 117 -8.45 -2.19 4.03
N LEU B 118 -7.78 -3.31 3.69
CA LEU B 118 -6.96 -3.27 2.49
C LEU B 118 -7.83 -3.21 1.24
N ARG B 119 -8.99 -3.87 1.25
CA ARG B 119 -9.84 -3.83 0.05
C ARG B 119 -10.32 -2.41 -0.22
N THR B 120 -10.92 -1.77 0.78
CA THR B 120 -11.50 -0.45 0.54
C THR B 120 -10.45 0.65 0.50
N ASN B 121 -9.48 0.61 1.42
CA ASN B 121 -8.54 1.71 1.57
C ASN B 121 -7.36 1.64 0.62
N VAL B 122 -7.15 0.51 -0.07
CA VAL B 122 -6.09 0.41 -1.09
C VAL B 122 -6.70 0.09 -2.44
N GLN B 123 -7.30 -1.10 -2.59
CA GLN B 123 -7.87 -1.45 -3.89
C GLN B 123 -8.95 -0.46 -4.31
N GLY B 124 -9.76 -0.01 -3.35
CA GLY B 124 -10.79 0.97 -3.66
C GLY B 124 -10.23 2.30 -4.16
N VAL B 125 -9.05 2.69 -3.66
CA VAL B 125 -8.40 3.90 -4.17
C VAL B 125 -7.90 3.68 -5.60
N GLN B 126 -7.28 2.52 -5.88
CA GLN B 126 -6.90 2.23 -7.26
C GLN B 126 -8.11 2.29 -8.17
N SER B 127 -9.23 1.72 -7.72
CA SER B 127 -10.44 1.69 -8.52
C SER B 127 -10.93 3.10 -8.82
N LEU B 128 -10.95 3.94 -7.80
CA LEU B 128 -11.47 5.29 -7.98
C LEU B 128 -10.55 6.13 -8.83
N MET B 129 -9.23 6.04 -8.59
CA MET B 129 -8.28 6.81 -9.39
C MET B 129 -8.34 6.40 -10.86
N GLN B 130 -8.40 5.09 -11.14
CA GLN B 130 -8.46 4.63 -12.53
C GLN B 130 -9.74 5.12 -13.20
N ALA B 131 -10.87 5.02 -12.53
CA ALA B 131 -12.11 5.52 -13.11
C ALA B 131 -12.06 7.03 -13.32
N CYS B 132 -11.46 7.75 -12.36
CA CYS B 132 -11.30 9.20 -12.51
C CYS B 132 -10.43 9.55 -13.70
N LEU B 133 -9.39 8.74 -13.95
CA LEU B 133 -8.53 8.97 -15.10
C LEU B 133 -9.32 8.85 -16.39
N THR B 134 -10.05 7.76 -16.55
CA THR B 134 -10.79 7.53 -17.78
C THR B 134 -11.93 8.54 -17.93
N ALA B 135 -12.58 8.93 -16.83
CA ALA B 135 -13.68 9.88 -16.90
C ALA B 135 -13.22 11.33 -17.03
N GLY B 136 -11.93 11.61 -16.85
CA GLY B 136 -11.42 12.96 -17.03
C GLY B 136 -11.72 13.93 -15.93
N VAL B 137 -11.96 13.46 -14.71
CA VAL B 137 -12.32 14.34 -13.59
C VAL B 137 -11.17 15.32 -13.32
N PRO B 138 -11.44 16.64 -13.26
CA PRO B 138 -10.35 17.62 -13.21
C PRO B 138 -9.71 17.82 -11.83
N THR B 139 -10.45 17.56 -10.76
CA THR B 139 -9.92 17.71 -9.41
C THR B 139 -10.35 16.53 -8.56
N ILE B 140 -9.38 15.85 -7.95
CA ILE B 140 -9.61 14.66 -7.14
C ILE B 140 -8.94 14.85 -5.79
N VAL B 141 -9.65 14.55 -4.72
CA VAL B 141 -9.11 14.65 -3.36
C VAL B 141 -9.24 13.31 -2.65
N GLN B 142 -8.12 12.77 -2.20
CA GLN B 142 -8.05 11.57 -1.39
C GLN B 142 -7.88 11.97 0.07
N VAL B 143 -8.87 11.66 0.89
CA VAL B 143 -8.86 12.05 2.30
C VAL B 143 -8.11 11.00 3.11
N SER B 144 -7.12 11.43 3.91
CA SER B 144 -6.29 10.46 4.61
C SER B 144 -5.97 10.97 6.01
N THR B 145 -5.01 10.31 6.67
CA THR B 145 -4.84 10.38 8.12
C THR B 145 -3.39 10.66 8.51
N ASP B 146 -3.21 11.33 9.65
CA ASP B 146 -1.88 11.52 10.23
C ASP B 146 -1.23 10.20 10.64
N GLU B 147 -2.01 9.12 10.75
CA GLU B 147 -1.45 7.89 11.29
C GLU B 147 -0.48 7.23 10.33
N VAL B 148 -0.46 7.65 9.07
CA VAL B 148 0.47 7.06 8.10
C VAL B 148 1.93 7.32 8.44
N TYR B 149 2.22 8.30 9.30
CA TYR B 149 3.59 8.65 9.66
C TYR B 149 4.12 7.91 10.88
N GLY B 150 3.27 7.17 11.59
CA GLY B 150 3.70 6.43 12.76
C GLY B 150 3.42 7.15 14.05
N SER B 151 4.47 7.38 14.84
CA SER B 151 4.40 8.08 16.11
C SER B 151 5.53 9.10 16.16
N ILE B 152 5.29 10.21 16.85
CA ILE B 152 6.27 11.30 16.94
C ILE B 152 6.32 11.83 18.38
N GLU B 153 7.51 11.77 18.99
CA GLU B 153 7.62 12.05 20.41
C GLU B 153 7.55 13.55 20.70
N ALA B 154 8.10 14.37 19.81
CA ALA B 154 8.16 15.81 20.02
C ALA B 154 8.12 16.51 18.68
N GLY B 155 7.45 17.66 18.63
CA GLY B 155 7.29 18.37 17.38
C GLY B 155 6.22 17.74 16.52
N SER B 156 6.12 18.27 15.29
CA SER B 156 5.05 17.90 14.37
C SER B 156 5.61 17.52 13.02
N TRP B 157 4.89 16.65 12.31
CA TRP B 157 5.30 16.21 10.97
C TRP B 157 4.94 17.25 9.92
N SER B 158 5.90 17.56 9.05
CA SER B 158 5.61 18.24 7.80
C SER B 158 5.25 17.21 6.73
N GLU B 159 4.84 17.71 5.57
CA GLU B 159 4.35 16.84 4.50
C GLU B 159 5.44 15.95 3.90
N ASP B 160 6.71 16.19 4.19
CA ASP B 160 7.79 15.35 3.68
C ASP B 160 8.16 14.22 4.65
N ALA B 161 7.39 14.02 5.71
CA ALA B 161 7.70 12.99 6.67
C ALA B 161 7.59 11.61 6.03
N PRO B 162 8.48 10.68 6.37
CA PRO B 162 8.39 9.33 5.78
C PRO B 162 7.14 8.60 6.23
N LEU B 163 6.56 7.82 5.32
CA LEU B 163 5.46 6.93 5.70
C LEU B 163 6.01 5.79 6.55
N ALA B 164 5.47 5.64 7.75
CA ALA B 164 5.89 4.57 8.65
C ALA B 164 4.72 4.12 9.51
N PRO B 165 3.65 3.61 8.91
CA PRO B 165 2.47 3.24 9.69
C PRO B 165 2.71 1.98 10.51
N ASN B 166 2.06 1.93 11.67
CA ASN B 166 2.20 0.80 12.57
C ASN B 166 0.99 -0.12 12.61
N SER B 167 -0.22 0.38 12.49
CA SER B 167 -1.40 -0.46 12.58
C SER B 167 -1.88 -0.88 11.20
N PRO B 168 -2.72 -1.93 11.13
CA PRO B 168 -3.28 -2.27 9.80
C PRO B 168 -4.11 -1.15 9.19
N TYR B 169 -4.91 -0.44 9.98
CA TYR B 169 -5.65 0.71 9.44
C TYR B 169 -4.70 1.72 8.83
N ALA B 170 -3.64 2.07 9.55
CA ALA B 170 -2.74 3.11 9.07
C ALA B 170 -1.98 2.64 7.83
N ALA B 171 -1.60 1.36 7.80
CA ALA B 171 -0.89 0.83 6.64
C ALA B 171 -1.81 0.81 5.43
N ALA B 172 -3.09 0.49 5.62
CA ALA B 172 -4.04 0.51 4.50
C ALA B 172 -4.24 1.92 3.99
N LYS B 173 -4.45 2.89 4.88
CA LYS B 173 -4.54 4.27 4.40
C LYS B 173 -3.28 4.70 3.65
N ALA B 174 -2.10 4.35 4.18
CA ALA B 174 -0.86 4.72 3.51
C ALA B 174 -0.75 4.06 2.13
N GLY B 175 -1.15 2.80 2.01
CA GLY B 175 -1.13 2.13 0.72
C GLY B 175 -2.03 2.81 -0.30
N GLY B 176 -3.18 3.28 0.15
CA GLY B 176 -4.04 4.06 -0.74
C GLY B 176 -3.39 5.36 -1.18
N ASP B 177 -2.75 6.08 -0.25
CA ASP B 177 -2.09 7.32 -0.64
C ASP B 177 -0.99 7.04 -1.66
N LEU B 178 -0.27 5.93 -1.49
CA LEU B 178 0.84 5.63 -2.38
C LEU B 178 0.36 5.34 -3.80
N ILE B 179 -0.73 4.59 -3.94
CA ILE B 179 -1.18 4.35 -5.32
C ILE B 179 -1.78 5.61 -5.92
N ALA B 180 -2.45 6.44 -5.12
CA ALA B 180 -2.93 7.71 -5.63
C ALA B 180 -1.77 8.57 -6.13
N LEU B 181 -0.71 8.69 -5.34
CA LEU B 181 0.44 9.48 -5.76
C LEU B 181 1.14 8.88 -6.98
N ALA B 182 1.15 7.54 -7.10
CA ALA B 182 1.74 6.94 -8.30
C ALA B 182 0.94 7.29 -9.55
N TYR B 183 -0.39 7.37 -9.43
CA TYR B 183 -1.20 7.86 -10.55
C TYR B 183 -0.87 9.31 -10.88
N ALA B 184 -0.69 10.15 -9.84
CA ALA B 184 -0.29 11.53 -10.10
C ALA B 184 1.04 11.59 -10.85
N ARG B 185 2.00 10.75 -10.46
CA ARG B 185 3.34 10.83 -11.03
C ARG B 185 3.47 10.12 -12.36
N THR B 186 2.70 9.05 -12.58
CA THR B 186 2.81 8.30 -13.83
C THR B 186 1.96 8.91 -14.93
N TYR B 187 0.74 9.36 -14.60
CA TYR B 187 -0.20 9.85 -15.62
C TYR B 187 -0.46 11.34 -15.54
N GLY B 188 0.03 12.02 -14.51
CA GLY B 188 -0.40 13.37 -14.28
C GLY B 188 -1.80 13.48 -13.73
N LEU B 189 -2.33 12.41 -13.14
CA LEU B 189 -3.68 12.46 -12.59
C LEU B 189 -3.79 13.58 -11.57
N PRO B 190 -4.80 14.44 -11.66
CA PRO B 190 -4.88 15.64 -10.80
C PRO B 190 -5.45 15.32 -9.41
N VAL B 191 -4.77 14.44 -8.68
CA VAL B 191 -5.21 14.04 -7.34
C VAL B 191 -4.37 14.78 -6.28
N ARG B 192 -5.05 15.20 -5.22
CA ARG B 192 -4.48 15.83 -4.05
C ARG B 192 -4.80 14.99 -2.83
N ILE B 193 -3.90 14.96 -1.86
CA ILE B 193 -4.08 14.16 -0.65
C ILE B 193 -4.14 15.09 0.55
N THR B 194 -5.12 14.87 1.42
CA THR B 194 -5.18 15.55 2.72
C THR B 194 -4.87 14.55 3.83
N ARG B 195 -4.25 15.03 4.90
CA ARG B 195 -4.03 14.23 6.10
C ARG B 195 -4.36 15.04 7.34
N CYS B 196 -5.03 14.39 8.29
CA CYS B 196 -5.62 15.08 9.43
C CYS B 196 -5.59 14.14 10.63
N GLY B 197 -5.56 14.73 11.82
CA GLY B 197 -5.68 13.97 13.06
C GLY B 197 -7.14 13.73 13.43
N ASN B 198 -7.33 13.28 14.66
CA ASN B 198 -8.65 12.82 15.12
C ASN B 198 -9.70 13.90 15.02
N ASN B 199 -10.82 13.56 14.40
CA ASN B 199 -12.00 14.41 14.32
C ASN B 199 -13.00 14.05 15.41
N TYR B 200 -13.83 15.05 15.73
CA TYR B 200 -14.99 14.85 16.58
C TYR B 200 -16.09 15.80 16.11
N GLY B 201 -17.32 15.54 16.54
CA GLY B 201 -18.44 16.38 16.21
C GLY B 201 -19.74 15.62 16.06
N PRO B 202 -20.82 16.33 15.73
CA PRO B 202 -22.12 15.65 15.53
C PRO B 202 -22.06 14.62 14.41
N TYR B 203 -22.87 13.55 14.59
CA TYR B 203 -23.04 12.42 13.66
C TYR B 203 -21.82 11.50 13.59
N GLN B 204 -20.93 11.52 14.57
CA GLN B 204 -19.85 10.54 14.58
C GLN B 204 -20.38 9.19 15.10
N PHE B 205 -20.04 8.10 14.41
CA PHE B 205 -20.48 6.79 14.87
C PHE B 205 -19.90 6.52 16.26
N PRO B 206 -20.71 6.08 17.21
CA PRO B 206 -20.26 6.04 18.61
C PRO B 206 -19.36 4.85 18.98
N GLU B 207 -18.54 4.38 18.03
CA GLU B 207 -17.41 3.54 18.40
C GLU B 207 -16.14 4.35 18.66
N LYS B 208 -16.07 5.57 18.15
CA LYS B 208 -14.91 6.43 18.33
C LYS B 208 -14.97 7.05 19.73
N VAL B 209 -13.80 7.42 20.27
CA VAL B 209 -13.69 7.60 21.72
C VAL B 209 -14.63 8.70 22.24
N ILE B 210 -14.71 9.84 21.55
CA ILE B 210 -15.53 10.92 22.12
C ILE B 210 -17.01 10.56 22.11
N PRO B 211 -17.63 10.16 20.99
CA PRO B 211 -19.06 9.78 21.07
C PRO B 211 -19.30 8.51 21.88
N LEU B 212 -18.35 7.59 21.90
CA LEU B 212 -18.46 6.43 22.80
C LEU B 212 -18.60 6.89 24.24
N PHE B 213 -17.70 7.76 24.68
CA PHE B 213 -17.78 8.24 26.06
C PHE B 213 -19.08 9.02 26.30
N LEU B 214 -19.45 9.90 25.36
CA LEU B 214 -20.63 10.72 25.59
C LEU B 214 -21.89 9.87 25.71
N THR B 215 -22.07 8.93 24.78
CA THR B 215 -23.31 8.14 24.78
C THR B 215 -23.34 7.17 25.96
N ARG B 216 -22.19 6.57 26.31
CA ARG B 216 -22.17 5.69 27.47
C ARG B 216 -22.45 6.46 28.76
N LEU B 217 -21.80 7.61 28.93
CA LEU B 217 -22.00 8.40 30.14
C LEU B 217 -23.43 8.90 30.24
N MET B 218 -24.05 9.29 29.12
CA MET B 218 -25.43 9.79 29.16
C MET B 218 -26.42 8.71 29.56
N ASP B 219 -26.07 7.44 29.38
CA ASP B 219 -26.88 6.33 29.85
C ASP B 219 -26.42 5.79 31.20
N GLY B 220 -25.50 6.49 31.87
CA GLY B 220 -25.03 6.07 33.18
C GLY B 220 -24.20 4.80 33.15
N ARG B 221 -23.51 4.53 32.04
CA ARG B 221 -22.70 3.33 31.90
C ARG B 221 -21.21 3.67 31.96
N SER B 222 -20.40 2.62 32.08
CA SER B 222 -18.97 2.79 32.21
C SER B 222 -18.34 3.15 30.87
N VAL B 223 -17.15 3.76 30.94
CA VAL B 223 -16.36 4.08 29.76
C VAL B 223 -14.95 3.50 29.92
N PRO B 224 -14.37 2.94 28.86
CA PRO B 224 -13.07 2.26 28.99
C PRO B 224 -11.89 3.21 28.73
N LEU B 225 -10.91 3.18 29.64
CA LEU B 225 -9.64 3.88 29.44
C LEU B 225 -8.53 2.85 29.37
N TYR B 226 -7.83 2.81 28.24
CA TYR B 226 -6.88 1.74 27.96
C TYR B 226 -5.47 2.12 28.38
N GLY B 227 -4.82 1.19 29.08
CA GLY B 227 -3.41 1.36 29.36
C GLY B 227 -3.14 2.51 30.31
N ASP B 228 -1.96 3.12 30.14
CA ASP B 228 -1.60 4.22 31.03
C ASP B 228 -2.29 5.52 30.67
N GLY B 229 -3.01 5.58 29.54
CA GLY B 229 -3.72 6.79 29.16
C GLY B 229 -2.85 7.93 28.70
N ARG B 230 -1.55 7.70 28.46
CA ARG B 230 -0.65 8.77 28.12
C ARG B 230 -0.48 8.95 26.62
N ASN B 231 -1.15 8.12 25.81
CA ASN B 231 -1.21 8.39 24.37
C ASN B 231 -1.74 9.80 24.12
N VAL B 232 -1.19 10.47 23.10
CA VAL B 232 -1.47 11.86 22.79
C VAL B 232 -2.10 11.94 21.41
N ARG B 233 -3.19 12.69 21.30
CA ARG B 233 -3.87 12.95 20.02
C ARG B 233 -4.11 14.44 19.88
N ASP B 234 -4.14 14.91 18.63
CA ASP B 234 -4.49 16.30 18.30
C ASP B 234 -5.90 16.32 17.74
N TRP B 235 -6.78 17.06 18.39
CA TRP B 235 -8.22 17.01 18.09
C TRP B 235 -8.65 18.19 17.23
N ILE B 236 -9.50 17.91 16.24
CA ILE B 236 -10.06 18.93 15.36
C ILE B 236 -11.55 18.67 15.20
N HIS B 237 -12.33 19.75 15.19
CA HIS B 237 -13.76 19.61 14.92
C HIS B 237 -13.98 19.32 13.44
N VAL B 238 -14.94 18.44 13.14
CA VAL B 238 -15.17 17.99 11.76
C VAL B 238 -15.39 19.16 10.82
N ALA B 239 -16.02 20.25 11.30
CA ALA B 239 -16.27 21.39 10.41
C ALA B 239 -14.96 22.05 9.99
N ASP B 240 -13.96 22.11 10.87
CA ASP B 240 -12.67 22.67 10.46
C ASP B 240 -11.95 21.73 9.49
N HIS B 241 -12.01 20.42 9.73
CA HIS B 241 -11.43 19.48 8.77
C HIS B 241 -12.02 19.70 7.39
N CYS B 242 -13.35 19.81 7.30
CA CYS B 242 -14.01 19.98 6.01
C CYS B 242 -13.61 21.31 5.35
N ARG B 243 -13.47 22.37 6.14
CA ARG B 243 -13.03 23.63 5.52
C ARG B 243 -11.59 23.53 5.02
N GLY B 244 -10.74 22.78 5.73
CA GLY B 244 -9.41 22.51 5.20
C GLY B 244 -9.47 21.73 3.89
N ILE B 245 -10.32 20.71 3.84
CA ILE B 245 -10.47 19.94 2.61
C ILE B 245 -10.94 20.84 1.49
N GLN B 246 -11.88 21.75 1.79
CA GLN B 246 -12.37 22.66 0.74
C GLN B 246 -11.27 23.62 0.29
N THR B 247 -10.40 24.03 1.21
CA THR B 247 -9.25 24.85 0.82
C THR B 247 -8.37 24.10 -0.17
N VAL B 248 -8.18 22.80 0.05
CA VAL B 248 -7.40 21.98 -0.88
C VAL B 248 -8.11 21.90 -2.23
N VAL B 249 -9.43 21.75 -2.22
CA VAL B 249 -10.22 21.74 -3.45
C VAL B 249 -10.00 23.03 -4.25
N GLU B 250 -9.97 24.16 -3.56
CA GLU B 250 -9.94 25.45 -4.24
C GLU B 250 -8.53 25.96 -4.53
N ARG B 251 -7.56 25.62 -3.69
CA ARG B 251 -6.25 26.24 -3.78
C ARG B 251 -5.11 25.24 -3.92
N GLY B 252 -5.36 23.94 -3.83
CA GLY B 252 -4.31 22.95 -3.89
C GLY B 252 -3.86 22.65 -5.30
N ALA B 253 -2.83 21.79 -5.39
CA ALA B 253 -2.20 21.45 -6.66
C ALA B 253 -2.02 19.94 -6.79
N SER B 254 -2.09 19.47 -8.04
CA SER B 254 -1.99 18.05 -8.33
C SER B 254 -0.72 17.43 -7.76
N GLY B 255 -0.85 16.23 -7.18
CA GLY B 255 0.28 15.48 -6.68
C GLY B 255 0.79 15.88 -5.31
N GLU B 256 0.15 16.86 -4.67
CA GLU B 256 0.61 17.41 -3.41
C GLU B 256 -0.18 16.85 -2.23
N VAL B 257 0.49 16.78 -1.07
CA VAL B 257 -0.12 16.42 0.21
C VAL B 257 -0.37 17.70 1.00
N TYR B 258 -1.47 17.74 1.75
CA TYR B 258 -1.78 18.88 2.60
C TYR B 258 -2.23 18.42 3.97
N HIS B 259 -1.49 18.83 5.00
CA HIS B 259 -1.88 18.60 6.39
C HIS B 259 -2.97 19.57 6.86
N ILE B 260 -3.84 19.06 7.71
CA ILE B 260 -4.81 19.85 8.46
C ILE B 260 -4.60 19.51 9.93
N ALA B 261 -4.11 20.46 10.73
CA ALA B 261 -3.65 20.17 12.09
C ALA B 261 -4.80 20.20 13.08
N GLY B 262 -4.58 19.58 14.23
CA GLY B 262 -5.51 19.66 15.35
C GLY B 262 -5.05 20.75 16.30
N THR B 263 -6.03 21.46 16.89
CA THR B 263 -5.72 22.58 17.78
C THR B 263 -6.04 22.28 19.24
N ALA B 264 -6.12 21.02 19.63
CA ALA B 264 -6.17 20.64 21.04
C ALA B 264 -5.39 19.35 21.20
N GLU B 265 -4.16 19.47 21.71
CA GLU B 265 -3.30 18.32 21.91
C GLU B 265 -3.50 17.81 23.33
N LEU B 266 -3.98 16.57 23.45
CA LEU B 266 -4.41 16.03 24.75
C LEU B 266 -3.90 14.60 24.92
N THR B 267 -3.41 14.29 26.12
CA THR B 267 -3.30 12.89 26.51
C THR B 267 -4.70 12.31 26.67
N ASN B 268 -4.78 10.97 26.60
CA ASN B 268 -6.09 10.37 26.82
C ASN B 268 -6.56 10.55 28.26
N LEU B 269 -5.63 10.70 29.21
CA LEU B 269 -6.03 11.09 30.57
C LEU B 269 -6.69 12.46 30.57
N GLU B 270 -6.09 13.44 29.88
CA GLU B 270 -6.68 14.78 29.78
C GLU B 270 -8.00 14.76 29.02
N LEU B 271 -8.05 14.02 27.91
CA LEU B 271 -9.30 13.88 27.18
C LEU B 271 -10.38 13.31 28.08
N THR B 272 -10.07 12.26 28.85
CA THR B 272 -11.05 11.67 29.74
C THR B 272 -11.58 12.70 30.74
N GLN B 273 -10.69 13.51 31.33
CA GLN B 273 -11.14 14.53 32.25
C GLN B 273 -12.07 15.53 31.57
N HIS B 274 -11.72 15.95 30.34
CA HIS B 274 -12.57 16.89 29.61
C HIS B 274 -13.93 16.29 29.32
N LEU B 275 -13.97 15.02 28.91
CA LEU B 275 -15.24 14.38 28.59
C LEU B 275 -16.10 14.21 29.85
N LEU B 276 -15.50 13.77 30.95
CA LEU B 276 -16.23 13.69 32.21
C LEU B 276 -16.79 15.05 32.61
N ASP B 277 -15.95 16.08 32.57
CA ASP B 277 -16.43 17.42 32.90
C ASP B 277 -17.57 17.83 31.99
N ALA B 278 -17.44 17.56 30.68
CA ALA B 278 -18.39 18.10 29.72
C ALA B 278 -19.80 17.52 29.92
N VAL B 279 -19.91 16.33 30.49
CA VAL B 279 -21.21 15.68 30.68
C VAL B 279 -21.62 15.62 32.14
N GLY B 280 -20.77 16.03 33.07
CA GLY B 280 -21.07 15.88 34.49
C GLY B 280 -20.75 14.54 35.08
N GLY B 281 -19.90 13.74 34.41
CA GLY B 281 -19.59 12.41 34.90
C GLY B 281 -18.47 12.37 35.93
N SER B 282 -18.27 11.16 36.47
CA SER B 282 -17.34 10.91 37.57
C SER B 282 -16.27 9.91 37.12
N TRP B 283 -15.09 10.01 37.71
CA TRP B 283 -14.07 8.99 37.44
C TRP B 283 -14.50 7.61 37.90
N ASP B 284 -15.53 7.51 38.74
CA ASP B 284 -16.08 6.21 39.11
C ASP B 284 -16.59 5.43 37.91
N ALA B 285 -16.96 6.13 36.83
CA ALA B 285 -17.43 5.50 35.61
C ALA B 285 -16.30 5.02 34.71
N VAL B 286 -15.05 5.39 34.99
CA VAL B 286 -13.93 5.10 34.09
C VAL B 286 -13.36 3.74 34.45
N GLU B 287 -13.63 2.76 33.58
CA GLU B 287 -13.05 1.43 33.73
C GLU B 287 -11.63 1.40 33.17
N ARG B 288 -10.65 1.17 34.04
CA ARG B 288 -9.29 0.97 33.60
C ARG B 288 -9.16 -0.42 32.99
N VAL B 289 -8.64 -0.50 31.78
CA VAL B 289 -8.52 -1.78 31.09
C VAL B 289 -7.11 -1.88 30.51
N PRO B 290 -6.60 -3.09 30.32
CA PRO B 290 -5.26 -3.26 29.75
C PRO B 290 -5.11 -2.57 28.40
N ASP B 291 -3.86 -2.26 28.07
CA ASP B 291 -3.59 -1.61 26.80
C ASP B 291 -4.00 -2.54 25.65
N ARG B 292 -4.27 -1.92 24.50
CA ARG B 292 -4.58 -2.67 23.29
C ARG B 292 -3.52 -2.41 22.23
N LYS B 293 -3.55 -3.21 21.17
CA LYS B 293 -2.35 -3.53 20.40
C LYS B 293 -1.92 -2.42 19.43
N GLY B 294 -2.86 -1.76 18.76
CA GLY B 294 -2.48 -0.95 17.61
C GLY B 294 -2.61 0.55 17.71
N HIS B 295 -2.33 1.12 18.88
CA HIS B 295 -2.49 2.56 19.11
C HIS B 295 -1.14 3.17 19.44
N ASP B 296 -0.73 4.12 18.62
CA ASP B 296 0.55 4.80 18.69
C ASP B 296 0.61 5.80 19.84
N ARG B 297 1.83 6.15 20.22
CA ARG B 297 2.04 7.02 21.38
C ARG B 297 1.57 8.45 21.12
N ARG B 298 1.90 9.02 19.95
CA ARG B 298 1.58 10.43 19.70
C ARG B 298 1.53 10.72 18.21
N TYR B 299 0.48 11.43 17.79
CA TYR B 299 0.38 12.01 16.46
C TYR B 299 0.38 13.53 16.54
N SER B 300 1.08 14.19 15.61
CA SER B 300 1.02 15.65 15.54
C SER B 300 1.41 16.12 14.15
N LEU B 301 0.57 16.94 13.54
CA LEU B 301 0.82 17.48 12.20
C LEU B 301 1.10 18.97 12.25
N SER B 302 2.02 19.42 11.40
CA SER B 302 2.16 20.83 11.08
C SER B 302 1.38 21.15 9.82
N ASP B 303 0.54 22.18 9.87
CA ASP B 303 -0.26 22.57 8.72
C ASP B 303 0.08 23.97 8.22
N ALA B 304 1.35 24.35 8.38
CA ALA B 304 1.83 25.62 7.83
C ALA B 304 1.55 25.72 6.33
N LYS B 305 1.75 24.63 5.59
CA LYS B 305 1.57 24.65 4.15
C LYS B 305 0.15 25.06 3.77
N LEU B 306 -0.86 24.44 4.38
CA LEU B 306 -2.23 24.78 4.04
C LEU B 306 -2.66 26.12 4.65
N ARG B 307 -2.14 26.47 5.83
CA ARG B 307 -2.44 27.78 6.37
C ARG B 307 -1.95 28.89 5.46
N ALA B 308 -0.86 28.67 4.73
CA ALA B 308 -0.38 29.67 3.77
C ALA B 308 -1.32 29.80 2.58
N LEU B 309 -2.20 28.84 2.35
CA LEU B 309 -3.20 28.95 1.31
C LEU B 309 -4.53 29.48 1.82
N GLY B 310 -4.58 29.92 3.08
CA GLY B 310 -5.76 30.58 3.62
C GLY B 310 -6.57 29.79 4.62
N TYR B 311 -6.23 28.53 4.89
CA TYR B 311 -6.99 27.77 5.87
C TYR B 311 -6.73 28.28 7.28
N ALA B 312 -7.79 28.35 8.08
CA ALA B 312 -7.66 28.65 9.50
C ALA B 312 -8.83 28.00 10.23
N PRO B 313 -8.58 27.31 11.34
CA PRO B 313 -9.69 26.70 12.09
C PRO B 313 -10.56 27.76 12.76
N ARG B 314 -11.85 27.44 12.89
CA ARG B 314 -12.81 28.35 13.52
C ARG B 314 -13.42 27.81 14.79
N VAL B 315 -13.20 26.55 15.14
CA VAL B 315 -13.87 25.95 16.29
C VAL B 315 -12.86 25.61 17.37
N PRO B 316 -12.80 26.39 18.46
CA PRO B 316 -11.98 26.00 19.61
C PRO B 316 -12.57 24.77 20.28
N PHE B 317 -11.69 23.98 20.89
CA PHE B 317 -12.09 22.66 21.40
C PHE B 317 -13.16 22.77 22.48
N ALA B 318 -13.03 23.71 23.42
CA ALA B 318 -14.02 23.76 24.49
C ALA B 318 -15.40 24.08 23.94
N ASP B 319 -15.49 25.01 23.00
CA ASP B 319 -16.78 25.34 22.40
C ASP B 319 -17.31 24.20 21.55
N GLY B 320 -16.43 23.56 20.76
CA GLY B 320 -16.88 22.48 19.89
C GLY B 320 -17.29 21.24 20.67
N LEU B 321 -16.54 20.91 21.73
CA LEU B 321 -16.93 19.81 22.61
C LEU B 321 -18.30 20.08 23.23
N ALA B 322 -18.52 21.29 23.73
CA ALA B 322 -19.82 21.64 24.32
C ALA B 322 -20.94 21.49 23.30
N GLU B 323 -20.75 22.02 22.09
CA GLU B 323 -21.74 21.83 21.03
C GLU B 323 -21.99 20.35 20.77
N THR B 324 -20.93 19.55 20.77
CA THR B 324 -21.07 18.13 20.46
C THR B 324 -21.83 17.41 21.57
N VAL B 325 -21.51 17.71 22.84
CA VAL B 325 -22.28 17.17 23.96
C VAL B 325 -23.76 17.51 23.83
N ALA B 326 -24.06 18.80 23.61
CA ALA B 326 -25.44 19.21 23.41
C ALA B 326 -26.10 18.45 22.27
N TRP B 327 -25.36 18.22 21.17
CA TRP B 327 -25.95 17.50 20.05
C TRP B 327 -26.29 16.07 20.45
N TYR B 328 -25.36 15.36 21.12
CA TYR B 328 -25.68 13.99 21.48
C TYR B 328 -26.83 13.93 22.49
N ARG B 329 -26.89 14.90 23.42
CA ARG B 329 -28.02 14.93 24.36
C ARG B 329 -29.34 15.05 23.62
N ALA B 330 -29.38 15.83 22.54
CA ALA B 330 -30.61 16.14 21.84
C ALA B 330 -30.95 15.16 20.73
N ASN B 331 -30.06 14.21 20.42
CA ASN B 331 -30.25 13.32 19.28
C ASN B 331 -30.12 11.86 19.70
N ARG B 332 -30.71 11.50 20.85
CA ARG B 332 -30.84 10.09 21.20
C ARG B 332 -31.51 9.28 20.11
N HIS B 333 -32.45 9.87 19.37
CA HIS B 333 -33.10 9.12 18.31
C HIS B 333 -32.09 8.64 17.27
N TRP B 334 -31.02 9.40 17.06
CA TRP B 334 -30.00 9.00 16.09
C TRP B 334 -29.04 7.95 16.66
N TRP B 335 -28.57 8.13 17.90
CA TRP B 335 -27.50 7.25 18.36
C TRP B 335 -27.96 6.07 19.21
N GLU B 336 -29.15 6.10 19.79
CA GLU B 336 -29.55 4.97 20.62
C GLU B 336 -29.54 3.63 19.88
N PRO B 337 -30.03 3.52 18.65
CA PRO B 337 -29.93 2.22 17.96
C PRO B 337 -28.49 1.80 17.71
N LEU B 338 -27.61 2.77 17.52
CA LEU B 338 -26.21 2.48 17.27
C LEU B 338 -25.53 1.94 18.52
N ARG B 339 -25.75 2.62 19.65
CA ARG B 339 -25.23 2.15 20.93
C ARG B 339 -25.80 0.78 21.29
N LYS B 340 -27.10 0.58 21.07
CA LYS B 340 -27.72 -0.69 21.40
C LYS B 340 -27.05 -1.84 20.65
N GLN B 341 -26.80 -1.65 19.35
CA GLN B 341 -26.18 -2.69 18.55
C GLN B 341 -24.75 -2.97 19.01
N LEU B 342 -23.95 -1.91 19.17
CA LEU B 342 -22.59 -2.08 19.67
C LEU B 342 -22.54 -2.78 21.03
N ASP B 343 -23.62 -2.70 21.81
CA ASP B 343 -23.73 -3.17 23.19
C ASP B 343 -22.89 -2.29 24.12
C1 GOL C . 20.54 -19.58 -29.70
O1 GOL C . 19.61 -20.47 -30.03
C2 GOL C . 21.28 -19.32 -30.93
O2 GOL C . 22.53 -18.87 -30.65
C3 GOL C . 20.37 -18.31 -31.63
O3 GOL C . 19.91 -18.97 -32.77
C1 GOL D . 9.13 -10.61 -27.15
O1 GOL D . 9.13 -9.57 -28.08
C2 GOL D . 10.46 -11.34 -27.30
O2 GOL D . 10.59 -12.03 -28.51
C3 GOL D . 10.55 -12.26 -26.09
O3 GOL D . 11.47 -13.25 -26.41
PA NAD E . 7.72 -13.24 -12.03
O1A NAD E . 8.78 -13.97 -12.85
O2A NAD E . 6.89 -12.22 -12.76
O5B NAD E . 6.78 -14.39 -11.34
C5B NAD E . 5.70 -14.00 -10.51
C4B NAD E . 5.09 -15.32 -9.96
O4B NAD E . 4.13 -15.00 -9.12
C3B NAD E . 4.47 -16.16 -11.12
O3B NAD E . 4.90 -17.47 -11.07
C2B NAD E . 3.00 -15.95 -10.84
O2B NAD E . 2.17 -17.05 -11.49
C1B NAD E . 2.89 -15.91 -9.51
N9A NAD E . 1.75 -15.15 -8.99
C8A NAD E . 1.36 -13.92 -9.38
N7A NAD E . 0.28 -13.56 -8.69
C5A NAD E . -0.02 -14.57 -7.82
C6A NAD E . -1.03 -14.76 -6.84
N6A NAD E . -2.04 -13.75 -6.61
N1A NAD E . -1.03 -15.91 -6.17
C2A NAD E . -0.11 -16.83 -6.39
N3A NAD E . 0.88 -16.70 -7.31
C4A NAD E . 0.93 -15.57 -8.01
O3 NAD E . 8.37 -12.46 -10.80
PN NAD E . 9.93 -12.54 -10.26
O1N NAD E . 10.34 -13.94 -10.03
O2N NAD E . 10.83 -11.76 -11.25
O5D NAD E . 9.81 -11.71 -8.86
C5D NAD E . 9.44 -12.42 -7.67
C4D NAD E . 9.29 -11.39 -6.57
O4D NAD E . 10.70 -10.55 -6.49
C3D NAD E . 8.36 -10.51 -6.75
O3D NAD E . 7.79 -10.11 -5.42
C2D NAD E . 9.04 -9.19 -7.26
O2D NAD E . 8.34 -8.11 -6.92
C1D NAD E . 10.41 -9.28 -6.52
N1N NAD E . 11.51 -8.60 -7.23
C2N NAD E . 11.81 -8.89 -8.48
C3N NAD E . 12.91 -8.24 -9.13
C7N NAD E . 13.29 -8.55 -10.60
O7N NAD E . 14.14 -7.93 -11.13
N7N NAD E . 12.57 -9.62 -11.30
C4N NAD E . 13.68 -7.33 -8.45
C5N NAD E . 13.33 -7.05 -7.12
C6N NAD E . 12.25 -7.75 -6.55
PA TYD F . 12.60 -3.80 -16.80
O1A TYD F . 13.27 -5.09 -17.27
O2A TYD F . 11.19 -3.63 -17.24
O3A TYD F . 12.73 -3.65 -15.23
PB TYD F . 12.45 -2.55 -14.10
O1B TYD F . 12.06 -3.39 -12.87
O2B TYD F . 13.78 -1.81 -13.91
O3B TYD F . 11.36 -1.63 -14.55
O5' TYD F . 13.42 -2.51 -17.25
C5' TYD F . 14.84 -2.39 -16.98
C4' TYD F . 15.32 -1.11 -17.62
O4' TYD F . 15.38 -1.30 -19.05
C3' TYD F . 14.41 0.08 -17.38
O3' TYD F . 15.21 1.28 -17.28
C2' TYD F . 13.54 0.11 -18.63
C1' TYD F . 14.47 -0.41 -19.70
N1 TYD F . 13.79 -1.18 -20.77
C2 TYD F . 14.00 -0.79 -22.08
O2 TYD F . 14.69 0.18 -22.39
N3 TYD F . 13.36 -1.57 -23.02
C4 TYD F . 12.56 -2.67 -22.77
O4 TYD F . 12.05 -3.27 -23.72
C5 TYD F . 12.41 -3.03 -21.39
C5M TYD F . 11.55 -4.22 -21.04
C6 TYD F . 13.02 -2.28 -20.46
C1 PEG G . -14.97 -5.57 -4.45
O1 PEG G . -13.60 -5.90 -4.25
C2 PEG G . -15.71 -5.47 -3.15
O2 PEG G . -15.31 -4.29 -2.45
C3 PEG G . -15.66 -4.32 -1.07
C4 PEG G . -14.89 -3.24 -0.37
O4 PEG G . -14.20 -3.74 0.77
PA NAD H . -16.72 6.60 8.89
O1A NAD H . -17.63 7.45 9.76
O2A NAD H . -16.35 5.27 9.52
O5B NAD H . -17.53 6.44 7.46
C5B NAD H . -16.93 5.69 6.40
C4B NAD H . -17.91 5.78 5.21
O4B NAD H . -17.37 5.16 4.19
C3B NAD H . -19.25 5.04 5.55
O3B NAD H . -20.34 5.80 5.23
C2B NAD H . -19.09 3.78 4.74
O2B NAD H . -20.45 3.21 4.41
C1B NAD H . -18.47 4.16 3.63
N9A NAD H . -17.69 3.11 2.94
C8A NAD H . -16.85 2.26 3.50
N7A NAD H . -16.30 1.48 2.56
C5A NAD H . -16.82 1.84 1.36
C6A NAD H . -16.66 1.38 0.05
N6A NAD H . -15.73 0.28 -0.26
N1A NAD H . -17.32 1.98 -0.92
C2A NAD H . -18.15 2.98 -0.64
N3A NAD H . -18.35 3.44 0.58
C4A NAD H . -17.70 2.89 1.61
O3 NAD H . -15.36 7.37 8.51
PN NAD H . -15.04 8.99 8.71
O1N NAD H . -16.11 9.82 8.15
O2N NAD H . -14.68 9.22 10.20
O5D NAD H . -13.69 9.14 7.82
C5D NAD H . -13.77 9.59 6.47
C4D NAD H . -12.39 9.48 5.85
O4D NAD H . -11.44 10.47 6.76
C3D NAD H . -11.81 8.31 5.86
O3D NAD H . -10.92 8.19 4.66
C2D NAD H . -10.85 8.27 7.12
O2D NAD H . -9.80 7.46 6.93
C1D NAD H . -10.41 9.78 7.14
N1N NAD H . -10.05 10.33 8.46
C2N NAD H . -10.83 10.17 9.51
C3N NAD H . -10.46 10.79 10.75
C7N NAD H . -11.36 10.59 12.01
O7N NAD H . -10.98 10.93 13.08
N7N NAD H . -12.69 9.98 11.86
C4N NAD H . -9.30 11.54 10.86
C5N NAD H . -8.51 11.71 9.73
C6N NAD H . -8.95 11.07 8.54
CAC FLC I . -10.60 5.97 18.96
CA FLC I . -9.28 6.25 18.34
CB FLC I . -8.19 6.48 19.40
CBC FLC I . -6.84 6.69 18.72
CG FLC I . -8.54 7.73 20.23
CGC FLC I . -7.55 8.03 21.32
OA1 FLC I . -10.79 5.04 19.74
OA2 FLC I . -11.51 6.85 18.65
OB1 FLC I . -5.99 5.72 18.96
OB2 FLC I . -6.60 7.67 18.04
OG1 FLC I . -6.52 7.37 21.50
OG2 FLC I . -7.91 9.04 22.07
OHB FLC I . -8.10 5.36 20.29
#